data_5MYP
#
_entry.id   5MYP
#
_cell.length_a   87.717
_cell.length_b   63.950
_cell.length_c   91.746
_cell.angle_alpha   90.00
_cell.angle_beta   98.64
_cell.angle_gamma   90.00
#
_symmetry.space_group_name_H-M   'P 1 21 1'
#
loop_
_entity.id
_entity.type
_entity.pdbx_description
1 polymer 'Aldehyde dehydrogenase'
2 non-polymer GLYCEROL
3 water water
#
_entity_poly.entity_id   1
_entity_poly.type   'polypeptide(L)'
_entity_poly.pdbx_seq_one_letter_code
;GSMAPAGVPENTSLENIPVIVSKCREAFNDDANRDLKKRKQVLRSLLNLVEENTDEFCKAIHRDRRRHRDETVVMEILPL
RNEVWHLIEHMDEYVKPVKPTMEGAAALDDCELQYEPLGVVLVIGTWNYPLLLILQPLLGALAAGNTAVIKPSELAPATA
ELLTKLLPKYVSSDVVGIVNGGVSETTAVLKERFDHILYTGSARVAEIVMAAAAKHLTPVTLELGGKSPVVVDDTCADNM
KVVAERIMWGKIINAGQTCIAPDYVVVEKSMESVLVDALAEARKAMLGDKFLKVLKGELLVKQKQQFLEESDYPRIVNAS
HFQRLMEFMKGGKVAVGGEADEATLTIAPTILTNIDPTHPVMQEEIFGPILPVLTYENEKDILKIINSREKPLALYVFSN
NKRFIRGVESRTSSGAVVVNDVVVHAGADGLPFGGVGRSGMGAYHGRYSFETFSHRRPVMRRGFLFSSIDTVRFPPYTTA
KSRVLNSLLKPSAEVAGAVGRSVWGVAALARVVEVGYHYMRFLMAGETTPAPSSSEPFSKSPRSNE
;
_entity_poly.pdbx_strand_id   A,B
#
# COMPACT_ATOMS: atom_id res chain seq x y z
N ALA A 6 22.36 -1.68 34.12
CA ALA A 6 21.41 -2.77 33.77
C ALA A 6 21.64 -3.29 32.34
N GLY A 7 21.70 -2.38 31.38
CA GLY A 7 21.87 -2.72 29.97
C GLY A 7 20.61 -3.22 29.28
N VAL A 8 19.46 -3.05 29.91
CA VAL A 8 18.17 -3.53 29.40
C VAL A 8 17.07 -2.52 29.76
N PRO A 9 16.10 -2.30 28.86
CA PRO A 9 14.97 -1.45 29.22
C PRO A 9 13.94 -2.21 30.06
N GLU A 10 13.24 -1.51 30.94
CA GLU A 10 12.14 -2.10 31.69
C GLU A 10 11.00 -2.42 30.73
N ASN A 11 10.42 -3.62 30.86
CA ASN A 11 9.27 -4.01 30.03
C ASN A 11 8.08 -3.11 30.37
N THR A 12 7.38 -2.64 29.33
CA THR A 12 6.16 -1.87 29.52
C THR A 12 5.08 -2.82 30.04
N SER A 13 4.41 -2.43 31.13
CA SER A 13 3.32 -3.24 31.67
C SER A 13 2.17 -3.27 30.66
N LEU A 14 1.48 -4.40 30.60
CA LEU A 14 0.39 -4.59 29.66
C LEU A 14 -0.75 -3.57 29.85
N GLU A 15 -0.99 -3.19 31.11
N GLU A 15 -0.99 -3.19 31.11
CA GLU A 15 -2.01 -2.20 31.45
CA GLU A 15 -2.01 -2.20 31.45
C GLU A 15 -1.67 -0.79 30.92
C GLU A 15 -1.67 -0.79 30.92
N ASN A 16 -0.37 -0.46 30.86
CA ASN A 16 0.09 0.84 30.35
C ASN A 16 0.09 0.97 28.82
N ILE A 17 0.05 -0.15 28.10
CA ILE A 17 0.09 -0.12 26.63
C ILE A 17 -1.10 0.64 26.02
N PRO A 18 -2.35 0.33 26.43
CA PRO A 18 -3.51 1.14 25.99
C PRO A 18 -3.41 2.63 26.32
N VAL A 19 -2.82 2.95 27.49
CA VAL A 19 -2.69 4.35 27.94
C VAL A 19 -1.71 5.10 27.03
N ILE A 20 -0.57 4.48 26.74
CA ILE A 20 0.45 5.04 25.86
C ILE A 20 -0.14 5.35 24.47
N VAL A 21 -0.83 4.37 23.88
CA VAL A 21 -1.43 4.55 22.56
C VAL A 21 -2.53 5.63 22.59
N SER A 22 -3.37 5.59 23.63
CA SER A 22 -4.46 6.56 23.80
C SER A 22 -3.96 8.00 23.92
N LYS A 23 -2.86 8.20 24.63
CA LYS A 23 -2.24 9.52 24.78
C LYS A 23 -1.74 10.05 23.42
N CYS A 24 -1.11 9.16 22.63
CA CYS A 24 -0.68 9.51 21.28
C CYS A 24 -1.85 9.83 20.33
N ARG A 25 -2.92 9.05 20.46
CA ARG A 25 -4.17 9.26 19.71
C ARG A 25 -4.77 10.63 20.03
N GLU A 26 -4.94 10.92 21.31
N GLU A 26 -4.94 10.92 21.31
CA GLU A 26 -5.47 12.21 21.78
CA GLU A 26 -5.46 12.20 21.77
C GLU A 26 -4.58 13.38 21.33
C GLU A 26 -4.58 13.38 21.33
N ALA A 27 -3.26 13.19 21.39
CA ALA A 27 -2.30 14.20 20.92
C ALA A 27 -2.48 14.51 19.43
N PHE A 28 -2.59 13.46 18.63
CA PHE A 28 -2.88 13.63 17.19
C PHE A 28 -4.18 14.41 16.99
N ASN A 29 -5.25 13.97 17.66
CA ASN A 29 -6.55 14.64 17.59
C ASN A 29 -6.51 16.10 18.06
N ASP A 30 -5.64 16.41 19.00
CA ASP A 30 -5.42 17.78 19.48
C ASP A 30 -4.37 18.57 18.66
N ASP A 31 -4.06 18.12 17.44
CA ASP A 31 -3.14 18.82 16.52
C ASP A 31 -1.72 19.00 17.07
N ALA A 32 -1.27 18.06 17.90
CA ALA A 32 0.06 18.14 18.53
C ALA A 32 1.23 18.15 17.54
N ASN A 33 1.01 17.61 16.33
CA ASN A 33 2.05 17.60 15.28
C ASN A 33 1.49 18.03 13.91
N ARG A 34 0.47 18.88 13.91
CA ARG A 34 -0.20 19.29 12.68
C ARG A 34 0.56 20.40 11.96
N ASP A 35 0.81 21.50 12.66
N ASP A 35 0.80 21.50 12.67
CA ASP A 35 1.49 22.66 12.09
CA ASP A 35 1.49 22.67 12.11
C ASP A 35 2.93 22.33 11.72
C ASP A 35 2.93 22.32 11.73
N LEU A 36 3.38 22.82 10.58
CA LEU A 36 4.74 22.57 10.08
C LEU A 36 5.83 23.04 11.07
N LYS A 37 5.56 24.15 11.75
CA LYS A 37 6.45 24.65 12.81
C LYS A 37 6.73 23.58 13.88
N LYS A 38 5.66 22.92 14.34
N LYS A 38 5.66 22.92 14.34
CA LYS A 38 5.78 21.83 15.32
CA LYS A 38 5.79 21.83 15.32
C LYS A 38 6.55 20.64 14.76
C LYS A 38 6.56 20.63 14.76
N ARG A 39 6.29 20.28 13.50
CA ARG A 39 6.97 19.13 12.86
C ARG A 39 8.46 19.38 12.71
N LYS A 40 8.84 20.58 12.28
CA LYS A 40 10.25 20.97 12.18
C LYS A 40 10.94 21.01 13.54
N GLN A 41 10.24 21.50 14.57
CA GLN A 41 10.76 21.47 15.95
C GLN A 41 11.10 20.04 16.39
N VAL A 42 10.18 19.11 16.15
CA VAL A 42 10.39 17.70 16.52
C VAL A 42 11.53 17.05 15.74
N LEU A 43 11.59 17.30 14.44
CA LEU A 43 12.68 16.79 13.60
C LEU A 43 14.03 17.35 14.02
N ARG A 44 14.11 18.66 14.26
N ARG A 44 14.10 18.65 14.28
CA ARG A 44 15.33 19.29 14.76
CA ARG A 44 15.33 19.28 14.80
C ARG A 44 15.76 18.73 16.12
C ARG A 44 15.74 18.71 16.16
N SER A 45 14.79 18.44 17.00
N SER A 45 14.76 18.43 17.04
CA SER A 45 15.06 17.82 18.31
CA SER A 45 15.05 17.81 18.33
C SER A 45 15.57 16.38 18.18
C SER A 45 15.57 16.38 18.19
N LEU A 46 15.03 15.63 17.22
CA LEU A 46 15.54 14.28 16.92
C LEU A 46 16.94 14.31 16.29
N LEU A 47 17.24 15.33 15.49
CA LEU A 47 18.61 15.56 15.03
C LEU A 47 19.54 15.78 16.22
N ASN A 48 19.10 16.62 17.17
CA ASN A 48 19.86 16.84 18.42
C ASN A 48 20.02 15.54 19.22
N LEU A 49 18.96 14.73 19.29
CA LEU A 49 19.04 13.40 19.95
C LEU A 49 20.19 12.56 19.39
N VAL A 50 20.30 12.51 18.06
CA VAL A 50 21.34 11.72 17.40
C VAL A 50 22.72 12.36 17.59
N GLU A 51 22.82 13.65 17.27
CA GLU A 51 24.11 14.35 17.29
C GLU A 51 24.71 14.53 18.69
N GLU A 52 23.89 14.92 19.66
CA GLU A 52 24.38 15.11 21.04
C GLU A 52 24.77 13.81 21.73
N ASN A 53 24.20 12.68 21.29
CA ASN A 53 24.44 11.39 21.93
C ASN A 53 25.09 10.34 21.00
N THR A 54 25.78 10.80 19.96
CA THR A 54 26.43 9.90 18.99
C THR A 54 27.42 8.94 19.65
N ASP A 55 28.26 9.46 20.56
CA ASP A 55 29.26 8.63 21.24
C ASP A 55 28.64 7.49 22.05
N GLU A 56 27.63 7.83 22.86
N GLU A 56 27.63 7.83 22.86
CA GLU A 56 26.94 6.83 23.71
CA GLU A 56 26.94 6.83 23.71
C GLU A 56 26.12 5.83 22.90
C GLU A 56 26.11 5.83 22.90
N PHE A 57 25.51 6.27 21.80
CA PHE A 57 24.78 5.36 20.88
C PHE A 57 25.72 4.34 20.23
N CYS A 58 26.88 4.81 19.76
CA CYS A 58 27.91 3.91 19.21
C CYS A 58 28.38 2.88 20.24
N LYS A 59 28.52 3.30 21.50
CA LYS A 59 28.89 2.40 22.60
C LYS A 59 27.80 1.38 22.91
N ALA A 60 26.53 1.82 22.91
CA ALA A 60 25.40 0.92 23.15
C ALA A 60 25.25 -0.10 22.00
N ILE A 61 25.39 0.39 20.77
CA ILE A 61 25.35 -0.47 19.59
C ILE A 61 26.54 -1.44 19.59
N HIS A 62 27.70 -0.96 20.03
CA HIS A 62 28.86 -1.83 20.21
C HIS A 62 28.60 -2.94 21.25
N ARG A 63 27.95 -2.59 22.36
CA ARG A 63 27.61 -3.57 23.38
C ARG A 63 26.65 -4.66 22.82
N ASP A 64 25.65 -4.22 22.06
CA ASP A 64 24.68 -5.15 21.44
C ASP A 64 25.25 -5.99 20.31
N ARG A 65 25.96 -5.34 19.37
N ARG A 65 25.96 -5.34 19.37
CA ARG A 65 26.37 -5.97 18.11
CA ARG A 65 26.37 -5.97 18.11
C ARG A 65 27.87 -6.29 17.98
C ARG A 65 27.87 -6.29 17.98
N ARG A 66 28.69 -5.76 18.90
CA ARG A 66 30.16 -5.73 18.74
C ARG A 66 30.59 -5.07 17.41
N ARG A 67 29.79 -4.10 16.98
N ARG A 67 29.79 -4.10 16.98
CA ARG A 67 30.04 -3.36 15.75
CA ARG A 67 30.04 -3.36 15.75
C ARG A 67 30.94 -2.17 16.09
C ARG A 67 30.94 -2.17 16.09
N HIS A 68 31.97 -1.95 15.28
CA HIS A 68 32.93 -0.86 15.50
C HIS A 68 32.25 0.50 15.31
N ARG A 69 32.67 1.48 16.11
CA ARG A 69 32.12 2.85 16.07
C ARG A 69 32.00 3.43 14.67
N ASP A 70 33.09 3.32 13.91
CA ASP A 70 33.15 3.82 12.53
C ASP A 70 32.15 3.12 11.60
N GLU A 71 31.95 1.81 11.80
CA GLU A 71 30.93 1.07 11.04
C GLU A 71 29.53 1.60 11.38
N THR A 72 29.27 1.83 12.66
CA THR A 72 28.00 2.39 13.12
C THR A 72 27.78 3.81 12.60
N VAL A 73 28.85 4.62 12.56
CA VAL A 73 28.76 5.97 12.00
C VAL A 73 28.34 5.94 10.52
N VAL A 74 29.00 5.08 9.74
CA VAL A 74 28.72 4.94 8.31
C VAL A 74 27.32 4.37 8.06
N MET A 75 26.92 3.36 8.81
CA MET A 75 25.69 2.60 8.55
C MET A 75 24.43 3.17 9.21
N GLU A 76 24.58 3.86 10.35
CA GLU A 76 23.43 4.34 11.13
C GLU A 76 23.41 5.84 11.39
N ILE A 77 24.49 6.39 11.94
CA ILE A 77 24.50 7.79 12.40
C ILE A 77 24.39 8.76 11.22
N LEU A 78 25.27 8.61 10.24
CA LEU A 78 25.27 9.52 9.08
C LEU A 78 23.99 9.43 8.22
N PRO A 79 23.49 8.22 7.92
CA PRO A 79 22.19 8.12 7.23
C PRO A 79 21.02 8.76 7.99
N LEU A 80 20.99 8.63 9.31
CA LEU A 80 19.97 9.30 10.13
C LEU A 80 20.08 10.83 10.06
N ARG A 81 21.31 11.35 10.16
CA ARG A 81 21.54 12.79 10.04
C ARG A 81 21.07 13.32 8.69
N ASN A 82 21.44 12.62 7.61
CA ASN A 82 21.02 12.99 6.27
C ASN A 82 19.50 12.91 6.08
N GLU A 83 18.87 11.92 6.70
CA GLU A 83 17.40 11.77 6.66
C GLU A 83 16.69 12.96 7.31
N VAL A 84 17.16 13.38 8.48
CA VAL A 84 16.55 14.53 9.16
C VAL A 84 16.71 15.79 8.32
N TRP A 85 17.93 16.04 7.83
CA TRP A 85 18.19 17.23 7.00
C TRP A 85 17.31 17.24 5.75
N HIS A 86 17.22 16.07 5.08
CA HIS A 86 16.33 15.91 3.93
C HIS A 86 14.89 16.29 4.26
N LEU A 87 14.36 15.71 5.33
CA LEU A 87 12.95 15.91 5.71
C LEU A 87 12.64 17.36 6.10
N ILE A 88 13.54 18.00 6.86
CA ILE A 88 13.37 19.42 7.22
C ILE A 88 13.45 20.30 5.97
N GLU A 89 14.49 20.12 5.17
CA GLU A 89 14.71 20.91 3.95
C GLU A 89 13.54 20.86 2.95
N HIS A 90 12.98 19.67 2.76
CA HIS A 90 11.97 19.45 1.72
C HIS A 90 10.51 19.41 2.20
N MET A 91 10.27 19.62 3.50
CA MET A 91 8.91 19.48 4.06
C MET A 91 7.88 20.38 3.37
N ASP A 92 8.24 21.65 3.19
CA ASP A 92 7.35 22.62 2.55
C ASP A 92 7.00 22.21 1.12
N GLU A 93 7.95 21.60 0.41
CA GLU A 93 7.69 21.06 -0.93
C GLU A 93 6.71 19.88 -0.86
N TYR A 94 6.95 18.96 0.08
CA TYR A 94 6.15 17.73 0.18
C TYR A 94 4.69 17.97 0.59
N VAL A 95 4.45 18.94 1.46
CA VAL A 95 3.09 19.22 1.94
C VAL A 95 2.16 19.89 0.91
N LYS A 96 2.73 20.53 -0.11
CA LYS A 96 1.92 21.33 -1.06
C LYS A 96 1.05 20.44 -1.95
N PRO A 97 -0.16 20.93 -2.31
CA PRO A 97 -0.98 20.16 -3.24
C PRO A 97 -0.35 20.02 -4.63
N VAL A 98 -0.59 18.87 -5.27
CA VAL A 98 -0.17 18.60 -6.64
C VAL A 98 -1.36 18.78 -7.58
N LYS A 99 -1.10 19.36 -8.76
CA LYS A 99 -2.12 19.53 -9.79
C LYS A 99 -2.05 18.34 -10.76
N PRO A 100 -3.02 17.41 -10.67
CA PRO A 100 -2.96 16.22 -11.53
C PRO A 100 -3.30 16.51 -13.00
N THR A 101 -2.83 15.65 -13.88
CA THR A 101 -3.15 15.73 -15.31
C THR A 101 -4.57 15.21 -15.52
N MET A 102 -5.46 16.10 -15.94
CA MET A 102 -6.87 15.78 -16.13
C MET A 102 -7.22 15.60 -17.61
N GLU A 103 -8.10 14.64 -17.89
CA GLU A 103 -8.53 14.29 -19.25
C GLU A 103 -10.05 14.14 -19.27
N GLY A 104 -10.67 14.41 -20.42
CA GLY A 104 -12.13 14.35 -20.56
C GLY A 104 -12.85 15.50 -19.87
N ALA A 105 -14.08 15.24 -19.43
CA ALA A 105 -14.95 16.27 -18.81
C ALA A 105 -14.36 16.90 -17.56
N ALA A 106 -13.65 16.10 -16.75
CA ALA A 106 -13.03 16.57 -15.51
C ALA A 106 -11.92 17.63 -15.72
N ALA A 107 -11.35 17.69 -16.92
CA ALA A 107 -10.36 18.73 -17.27
C ALA A 107 -10.89 20.17 -17.17
N LEU A 108 -12.20 20.36 -17.27
CA LEU A 108 -12.83 21.66 -17.08
C LEU A 108 -12.97 22.10 -15.61
N ASP A 109 -12.83 21.16 -14.68
CA ASP A 109 -12.93 21.46 -13.24
C ASP A 109 -11.56 21.75 -12.62
N ASP A 110 -11.59 22.31 -11.41
CA ASP A 110 -10.38 22.60 -10.65
C ASP A 110 -10.07 21.43 -9.72
N CYS A 111 -9.04 20.65 -10.06
CA CYS A 111 -8.66 19.46 -9.29
C CYS A 111 -7.27 19.56 -8.63
N GLU A 112 -7.14 18.93 -7.46
CA GLU A 112 -5.90 18.91 -6.67
C GLU A 112 -5.73 17.57 -5.97
N LEU A 113 -4.47 17.18 -5.73
CA LEU A 113 -4.15 16.06 -4.85
C LEU A 113 -3.48 16.64 -3.60
N GLN A 114 -4.20 16.63 -2.48
CA GLN A 114 -3.68 17.14 -1.20
C GLN A 114 -3.11 15.98 -0.41
N TYR A 115 -2.18 16.28 0.50
CA TYR A 115 -1.61 15.28 1.41
C TYR A 115 -2.04 15.60 2.82
N GLU A 116 -2.55 14.59 3.54
CA GLU A 116 -2.96 14.77 4.93
C GLU A 116 -2.34 13.69 5.82
N PRO A 117 -2.15 13.99 7.12
CA PRO A 117 -1.68 12.95 8.06
C PRO A 117 -2.67 11.80 8.21
N LEU A 118 -2.17 10.64 8.63
CA LEU A 118 -2.99 9.45 8.86
C LEU A 118 -3.54 9.38 10.29
N GLY A 119 -2.69 9.65 11.27
CA GLY A 119 -3.05 9.54 12.68
C GLY A 119 -1.90 9.08 13.53
N VAL A 120 -2.02 7.90 14.13
CA VAL A 120 -0.94 7.31 14.93
C VAL A 120 -0.29 6.17 14.15
N VAL A 121 1.04 6.23 14.04
CA VAL A 121 1.82 5.22 13.34
C VAL A 121 2.57 4.36 14.35
N LEU A 122 2.51 3.04 14.17
CA LEU A 122 3.32 2.11 14.98
C LEU A 122 4.56 1.73 14.18
N VAL A 123 5.72 1.84 14.82
CA VAL A 123 6.99 1.40 14.23
C VAL A 123 7.57 0.29 15.10
N ILE A 124 7.71 -0.90 14.52
CA ILE A 124 8.32 -2.04 15.20
C ILE A 124 9.73 -2.21 14.67
N GLY A 125 10.72 -2.01 15.53
CA GLY A 125 12.12 -2.04 15.15
C GLY A 125 12.70 -3.44 15.11
N THR A 126 13.91 -3.55 14.59
CA THR A 126 14.65 -4.80 14.58
C THR A 126 16.02 -4.58 15.25
N TRP A 127 16.75 -5.67 15.42
CA TRP A 127 17.96 -5.68 16.26
C TRP A 127 19.27 -5.41 15.52
N ASN A 128 19.32 -5.64 14.20
CA ASN A 128 20.59 -5.66 13.46
C ASN A 128 21.19 -4.27 13.23
N TYR A 129 20.33 -3.28 12.95
CA TYR A 129 20.71 -1.86 12.96
C TYR A 129 19.66 -1.16 13.81
N PRO A 130 19.83 -1.26 15.15
CA PRO A 130 18.73 -0.95 16.07
C PRO A 130 18.38 0.52 16.24
N LEU A 131 19.27 1.44 15.84
CA LEU A 131 18.97 2.87 15.86
C LEU A 131 18.37 3.31 14.53
N LEU A 132 19.04 2.97 13.43
CA LEU A 132 18.58 3.32 12.09
C LEU A 132 17.15 2.85 11.81
N LEU A 133 16.90 1.57 12.09
CA LEU A 133 15.64 0.94 11.68
C LEU A 133 14.47 1.15 12.65
N ILE A 134 14.70 1.92 13.72
CA ILE A 134 13.61 2.46 14.55
C ILE A 134 13.43 3.97 14.27
N LEU A 135 14.52 4.74 14.21
CA LEU A 135 14.42 6.19 14.01
C LEU A 135 14.13 6.64 12.57
N GLN A 136 14.66 5.94 11.57
CA GLN A 136 14.45 6.37 10.17
C GLN A 136 12.96 6.35 9.79
N PRO A 137 12.22 5.27 10.10
CA PRO A 137 10.76 5.28 9.89
C PRO A 137 10.03 6.36 10.73
N LEU A 138 10.42 6.50 11.99
CA LEU A 138 9.83 7.49 12.88
C LEU A 138 9.95 8.91 12.33
N LEU A 139 11.13 9.28 11.86
CA LEU A 139 11.36 10.62 11.29
C LEU A 139 10.37 10.92 10.16
N GLY A 140 10.19 9.94 9.27
CA GLY A 140 9.21 10.03 8.20
C GLY A 140 7.77 10.20 8.67
N ALA A 141 7.38 9.39 9.66
CA ALA A 141 6.02 9.46 10.22
C ALA A 141 5.73 10.83 10.83
N LEU A 142 6.71 11.40 11.55
CA LEU A 142 6.55 12.70 12.19
C LEU A 142 6.60 13.85 11.17
N ALA A 143 7.39 13.70 10.11
CA ALA A 143 7.41 14.67 9.00
C ALA A 143 6.04 14.82 8.33
N ALA A 144 5.29 13.72 8.28
CA ALA A 144 3.95 13.68 7.69
C ALA A 144 2.83 14.12 8.64
N GLY A 145 3.16 14.58 9.85
CA GLY A 145 2.19 15.14 10.79
C GLY A 145 1.44 14.13 11.64
N ASN A 146 1.99 12.91 11.73
CA ASN A 146 1.43 11.86 12.58
C ASN A 146 2.04 11.96 13.97
N THR A 147 1.42 11.30 14.93
CA THR A 147 2.10 10.90 16.16
C THR A 147 2.45 9.42 15.98
N ALA A 148 3.23 8.87 16.91
CA ALA A 148 3.76 7.53 16.74
C ALA A 148 3.98 6.79 18.04
N VAL A 149 3.97 5.46 17.94
CA VAL A 149 4.45 4.58 18.99
C VAL A 149 5.58 3.74 18.39
N ILE A 150 6.69 3.64 19.12
CA ILE A 150 7.82 2.82 18.68
C ILE A 150 7.99 1.61 19.59
N LYS A 151 8.41 0.49 19.00
CA LYS A 151 8.62 -0.75 19.72
C LYS A 151 10.03 -1.27 19.42
N PRO A 152 11.01 -0.88 20.27
CA PRO A 152 12.39 -1.34 20.05
C PRO A 152 12.55 -2.85 20.19
N SER A 153 13.47 -3.42 19.41
CA SER A 153 13.76 -4.84 19.49
C SER A 153 14.42 -5.19 20.83
N GLU A 154 13.94 -6.26 21.45
CA GLU A 154 14.52 -6.75 22.70
C GLU A 154 15.89 -7.42 22.51
N LEU A 155 16.23 -7.79 21.26
CA LEU A 155 17.54 -8.36 20.93
C LEU A 155 18.65 -7.32 20.68
N ALA A 156 18.35 -6.03 20.90
CA ALA A 156 19.38 -4.98 21.03
C ALA A 156 19.07 -4.15 22.28
N PRO A 157 19.21 -4.77 23.47
CA PRO A 157 18.73 -4.18 24.71
C PRO A 157 19.46 -2.91 25.16
N ALA A 158 20.78 -2.85 24.98
CA ALA A 158 21.55 -1.66 25.37
C ALA A 158 21.10 -0.42 24.58
N THR A 159 20.88 -0.61 23.27
CA THR A 159 20.37 0.46 22.41
C THR A 159 18.93 0.85 22.80
N ALA A 160 18.10 -0.15 23.07
CA ALA A 160 16.72 0.08 23.51
C ALA A 160 16.65 0.85 24.83
N GLU A 161 17.52 0.50 25.77
CA GLU A 161 17.60 1.21 27.06
C GLU A 161 17.99 2.67 26.86
N LEU A 162 19.07 2.90 26.12
CA LEU A 162 19.58 4.26 25.88
C LEU A 162 18.56 5.12 25.14
N LEU A 163 17.96 4.59 24.08
CA LEU A 163 16.94 5.32 23.32
C LEU A 163 15.72 5.64 24.17
N THR A 164 15.29 4.68 24.98
CA THR A 164 14.16 4.87 25.89
C THR A 164 14.46 5.96 26.93
N LYS A 165 15.67 5.98 27.46
CA LYS A 165 16.11 7.03 28.39
C LYS A 165 16.15 8.41 27.71
N LEU A 166 16.74 8.48 26.52
CA LEU A 166 17.02 9.77 25.86
C LEU A 166 15.83 10.39 25.15
N LEU A 167 15.00 9.57 24.50
CA LEU A 167 13.96 10.09 23.60
C LEU A 167 12.99 11.11 24.25
N PRO A 168 12.47 10.81 25.47
CA PRO A 168 11.60 11.78 26.15
C PRO A 168 12.21 13.17 26.40
N LYS A 169 13.53 13.24 26.51
CA LYS A 169 14.22 14.53 26.67
C LYS A 169 14.22 15.39 25.39
N TYR A 170 13.97 14.77 24.23
CA TYR A 170 13.91 15.48 22.96
C TYR A 170 12.51 15.58 22.32
N VAL A 171 11.68 14.55 22.49
CA VAL A 171 10.31 14.56 21.97
C VAL A 171 9.33 14.07 23.02
N SER A 172 8.19 14.74 23.11
CA SER A 172 7.14 14.40 24.06
C SER A 172 6.67 12.95 23.93
N SER A 173 6.33 12.33 25.06
N SER A 173 6.33 12.33 25.06
CA SER A 173 5.74 10.98 25.07
CA SER A 173 5.74 10.98 25.07
C SER A 173 4.33 10.95 24.45
C SER A 173 4.33 10.95 24.45
N ASP A 174 3.66 12.11 24.45
CA ASP A 174 2.39 12.27 23.71
C ASP A 174 2.56 12.19 22.19
N VAL A 175 3.69 12.65 21.67
CA VAL A 175 3.97 12.61 20.23
C VAL A 175 4.67 11.30 19.83
N VAL A 176 5.60 10.82 20.63
CA VAL A 176 6.26 9.51 20.42
C VAL A 176 6.21 8.65 21.68
N GLY A 177 5.28 7.70 21.72
CA GLY A 177 5.20 6.73 22.80
C GLY A 177 6.18 5.59 22.58
N ILE A 178 6.58 4.93 23.66
CA ILE A 178 7.52 3.82 23.58
C ILE A 178 6.94 2.59 24.30
N VAL A 179 6.96 1.44 23.62
CA VAL A 179 6.59 0.17 24.23
C VAL A 179 7.82 -0.74 24.15
N ASN A 180 8.28 -1.21 25.31
CA ASN A 180 9.45 -2.08 25.40
C ASN A 180 9.02 -3.48 25.82
N GLY A 181 9.65 -4.49 25.21
CA GLY A 181 9.42 -5.89 25.57
C GLY A 181 9.55 -6.83 24.40
N GLY A 182 9.08 -8.06 24.61
CA GLY A 182 9.17 -9.13 23.61
C GLY A 182 7.81 -9.43 22.99
N VAL A 183 7.49 -10.72 22.89
CA VAL A 183 6.28 -11.16 22.20
C VAL A 183 5.02 -10.71 22.91
N SER A 184 4.99 -10.85 24.24
CA SER A 184 3.83 -10.44 25.05
C SER A 184 3.46 -8.98 24.82
N GLU A 185 4.45 -8.10 24.86
CA GLU A 185 4.22 -6.67 24.75
C GLU A 185 3.93 -6.26 23.30
N THR A 186 4.58 -6.93 22.35
CA THR A 186 4.33 -6.69 20.91
C THR A 186 2.92 -7.15 20.52
N THR A 187 2.52 -8.33 20.99
CA THR A 187 1.16 -8.83 20.81
C THR A 187 0.14 -7.83 21.36
N ALA A 188 0.40 -7.30 22.56
CA ALA A 188 -0.49 -6.34 23.21
C ALA A 188 -0.61 -5.01 22.46
N VAL A 189 0.50 -4.44 22.02
CA VAL A 189 0.45 -3.17 21.28
C VAL A 189 -0.23 -3.34 19.92
N LEU A 190 -0.07 -4.51 19.31
CA LEU A 190 -0.76 -4.84 18.04
C LEU A 190 -2.30 -4.97 18.13
N LYS A 191 -2.84 -5.15 19.33
N LYS A 191 -2.84 -5.15 19.33
CA LYS A 191 -4.28 -5.09 19.55
CA LYS A 191 -4.28 -5.09 19.55
C LYS A 191 -4.84 -3.67 19.49
C LYS A 191 -4.84 -3.67 19.49
N GLU A 192 -3.98 -2.67 19.77
CA GLU A 192 -4.39 -1.26 19.73
C GLU A 192 -4.52 -0.77 18.28
N ARG A 193 -5.37 0.24 18.07
N ARG A 193 -5.37 0.24 18.07
CA ARG A 193 -5.67 0.74 16.74
CA ARG A 193 -5.67 0.74 16.74
C ARG A 193 -4.67 1.79 16.28
C ARG A 193 -4.67 1.79 16.28
N PHE A 194 -3.98 1.51 15.18
CA PHE A 194 -3.10 2.46 14.52
C PHE A 194 -3.62 2.74 13.11
N ASP A 195 -3.14 3.84 12.54
CA ASP A 195 -3.51 4.23 11.17
C ASP A 195 -2.50 3.77 10.13
N HIS A 196 -1.32 3.34 10.60
CA HIS A 196 -0.32 2.69 9.77
C HIS A 196 0.64 1.93 10.69
N ILE A 197 1.15 0.80 10.21
CA ILE A 197 2.17 0.03 10.92
C ILE A 197 3.36 -0.19 9.99
N LEU A 198 4.56 0.19 10.42
CA LEU A 198 5.78 -0.20 9.72
C LEU A 198 6.51 -1.26 10.55
N TYR A 199 6.79 -2.41 9.93
CA TYR A 199 7.49 -3.51 10.58
C TYR A 199 8.71 -3.89 9.74
N THR A 200 9.86 -3.99 10.42
CA THR A 200 11.08 -4.51 9.83
C THR A 200 11.45 -5.78 10.58
N GLY A 201 11.76 -6.83 9.84
CA GLY A 201 12.12 -8.13 10.42
C GLY A 201 11.88 -9.29 9.49
N SER A 202 11.33 -10.38 10.01
CA SER A 202 11.17 -11.64 9.25
C SER A 202 9.80 -11.74 8.59
N ALA A 203 9.73 -12.52 7.52
CA ALA A 203 8.47 -12.83 6.84
C ALA A 203 7.50 -13.58 7.76
N ARG A 204 8.02 -14.47 8.61
CA ARG A 204 7.22 -15.23 9.57
C ARG A 204 6.43 -14.32 10.51
N VAL A 205 7.12 -13.37 11.14
CA VAL A 205 6.48 -12.44 12.08
C VAL A 205 5.64 -11.39 11.33
N ALA A 206 6.07 -11.00 10.12
CA ALA A 206 5.28 -10.10 9.28
C ALA A 206 3.85 -10.59 9.06
N GLU A 207 3.68 -11.90 8.85
CA GLU A 207 2.35 -12.50 8.72
C GLU A 207 1.48 -12.24 9.96
N ILE A 208 2.09 -12.36 11.14
CA ILE A 208 1.41 -12.10 12.42
C ILE A 208 1.05 -10.61 12.56
N VAL A 209 1.97 -9.74 12.18
CA VAL A 209 1.73 -8.29 12.19
C VAL A 209 0.58 -7.92 11.26
N MET A 210 0.61 -8.45 10.03
CA MET A 210 -0.43 -8.15 9.05
C MET A 210 -1.81 -8.70 9.48
N ALA A 211 -1.82 -9.87 10.14
CA ALA A 211 -3.06 -10.41 10.72
C ALA A 211 -3.65 -9.49 11.78
N ALA A 212 -2.80 -8.92 12.62
CA ALA A 212 -3.22 -7.95 13.63
C ALA A 212 -3.74 -6.67 12.96
N ALA A 213 -3.03 -6.20 11.95
CA ALA A 213 -3.43 -5.01 11.18
C ALA A 213 -4.79 -5.20 10.50
N ALA A 214 -5.04 -6.43 10.03
CA ALA A 214 -6.32 -6.79 9.41
C ALA A 214 -7.53 -6.52 10.30
N LYS A 215 -7.37 -6.72 11.60
N LYS A 215 -7.37 -6.71 11.60
CA LYS A 215 -8.47 -6.51 12.56
CA LYS A 215 -8.46 -6.51 12.57
C LYS A 215 -8.92 -5.05 12.68
C LYS A 215 -8.92 -5.05 12.68
N HIS A 216 -8.05 -4.09 12.34
CA HIS A 216 -8.41 -2.65 12.30
C HIS A 216 -8.38 -2.03 10.88
N LEU A 217 -8.22 -2.87 9.85
CA LEU A 217 -7.99 -2.43 8.47
C LEU A 217 -6.88 -1.36 8.40
N THR A 218 -5.75 -1.68 9.01
CA THR A 218 -4.61 -0.78 9.08
C THR A 218 -3.61 -1.10 7.97
N PRO A 219 -3.25 -0.09 7.14
CA PRO A 219 -2.21 -0.34 6.13
C PRO A 219 -0.84 -0.64 6.76
N VAL A 220 -0.08 -1.50 6.09
CA VAL A 220 1.24 -1.92 6.60
C VAL A 220 2.33 -1.69 5.57
N THR A 221 3.50 -1.30 6.06
CA THR A 221 4.74 -1.32 5.32
C THR A 221 5.59 -2.41 5.98
N LEU A 222 6.01 -3.40 5.21
CA LEU A 222 6.76 -4.54 5.72
C LEU A 222 8.11 -4.55 5.02
N GLU A 223 9.18 -4.48 5.81
CA GLU A 223 10.55 -4.46 5.30
C GLU A 223 11.22 -5.74 5.76
N LEU A 224 11.33 -6.70 4.85
CA LEU A 224 11.70 -8.07 5.21
C LEU A 224 13.02 -8.42 4.54
N GLY A 225 13.28 -9.70 4.29
CA GLY A 225 14.55 -10.13 3.74
C GLY A 225 14.36 -11.08 2.58
N GLY A 226 15.23 -12.08 2.52
CA GLY A 226 15.31 -13.01 1.41
C GLY A 226 16.77 -13.18 1.05
N LYS A 227 17.03 -13.93 0.00
CA LYS A 227 18.38 -14.23 -0.42
C LYS A 227 18.76 -13.34 -1.58
N SER A 228 19.41 -12.21 -1.27
CA SER A 228 19.86 -11.27 -2.30
C SER A 228 21.03 -11.86 -3.09
N PRO A 229 20.81 -12.17 -4.39
CA PRO A 229 21.89 -12.77 -5.18
C PRO A 229 22.87 -11.74 -5.73
N VAL A 230 24.12 -12.17 -5.91
CA VAL A 230 25.12 -11.39 -6.63
C VAL A 230 25.46 -12.16 -7.90
N VAL A 231 25.13 -11.57 -9.05
CA VAL A 231 25.48 -12.14 -10.34
C VAL A 231 26.78 -11.49 -10.81
N VAL A 232 27.77 -12.33 -11.17
CA VAL A 232 29.05 -11.85 -11.69
C VAL A 232 29.29 -12.53 -13.04
N ASP A 233 29.36 -11.74 -14.11
CA ASP A 233 29.53 -12.29 -15.45
C ASP A 233 31.02 -12.41 -15.82
N ASP A 234 31.31 -12.63 -17.11
CA ASP A 234 32.68 -12.80 -17.62
C ASP A 234 33.33 -11.54 -18.23
N THR A 235 32.78 -10.35 -17.93
CA THR A 235 33.31 -9.08 -18.46
C THR A 235 34.03 -8.24 -17.40
N CYS A 236 34.28 -8.83 -16.22
CA CYS A 236 34.87 -8.11 -15.08
C CYS A 236 36.27 -8.62 -14.65
N ALA A 237 36.96 -9.38 -15.51
CA ALA A 237 38.29 -9.92 -15.15
C ALA A 237 39.25 -8.83 -14.68
N ASP A 238 39.29 -7.72 -15.40
CA ASP A 238 40.17 -6.58 -15.04
C ASP A 238 39.72 -5.80 -13.81
N ASN A 239 38.45 -5.95 -13.40
CA ASN A 239 37.88 -5.28 -12.23
C ASN A 239 37.69 -6.20 -11.03
N MET A 240 38.29 -7.39 -11.07
CA MET A 240 37.95 -8.46 -10.12
C MET A 240 38.30 -8.12 -8.67
N LYS A 241 39.35 -7.31 -8.46
CA LYS A 241 39.70 -6.86 -7.11
C LYS A 241 38.63 -5.96 -6.51
N VAL A 242 38.12 -5.02 -7.30
CA VAL A 242 37.05 -4.10 -6.87
C VAL A 242 35.72 -4.86 -6.69
N VAL A 243 35.44 -5.80 -7.60
CA VAL A 243 34.26 -6.68 -7.50
C VAL A 243 34.28 -7.40 -6.15
N ALA A 244 35.41 -8.02 -5.82
CA ALA A 244 35.56 -8.81 -4.60
C ALA A 244 35.54 -7.95 -3.34
N GLU A 245 36.15 -6.77 -3.41
CA GLU A 245 36.16 -5.84 -2.27
C GLU A 245 34.75 -5.36 -1.91
N ARG A 246 33.96 -5.04 -2.93
CA ARG A 246 32.58 -4.58 -2.72
C ARG A 246 31.69 -5.70 -2.15
N ILE A 247 31.77 -6.89 -2.73
CA ILE A 247 31.00 -8.05 -2.25
C ILE A 247 31.40 -8.40 -0.82
N MET A 248 32.71 -8.49 -0.56
CA MET A 248 33.21 -8.88 0.75
C MET A 248 32.88 -7.84 1.83
N TRP A 249 32.95 -6.56 1.48
CA TRP A 249 32.54 -5.49 2.40
C TRP A 249 31.07 -5.66 2.82
N GLY A 250 30.19 -5.84 1.83
CA GLY A 250 28.76 -6.06 2.07
C GLY A 250 28.45 -7.24 2.97
N LYS A 251 29.31 -8.27 2.91
CA LYS A 251 29.19 -9.46 3.76
C LYS A 251 29.78 -9.25 5.15
N ILE A 252 30.89 -8.53 5.25
CA ILE A 252 31.60 -8.33 6.52
C ILE A 252 30.84 -7.41 7.48
N ILE A 253 30.18 -6.38 6.97
CA ILE A 253 29.42 -5.45 7.83
C ILE A 253 28.36 -6.21 8.62
N ASN A 254 28.33 -5.97 9.93
CA ASN A 254 27.43 -6.64 10.86
C ASN A 254 27.51 -8.19 10.84
N ALA A 255 28.67 -8.73 10.45
CA ALA A 255 28.88 -10.17 10.30
C ALA A 255 27.80 -10.84 9.41
N GLY A 256 27.47 -10.19 8.31
CA GLY A 256 26.49 -10.71 7.34
C GLY A 256 25.02 -10.50 7.67
N GLN A 257 24.73 -9.92 8.84
CA GLN A 257 23.37 -9.84 9.36
C GLN A 257 22.72 -8.55 8.90
N THR A 258 22.46 -8.49 7.59
CA THR A 258 21.86 -7.35 6.92
C THR A 258 20.85 -7.91 5.91
N CYS A 259 19.67 -7.29 5.85
N CYS A 259 19.67 -7.29 5.85
CA CYS A 259 18.60 -7.73 4.94
CA CYS A 259 18.60 -7.71 4.95
C CYS A 259 18.94 -7.59 3.46
C CYS A 259 18.93 -7.58 3.47
N ILE A 260 19.93 -6.76 3.15
CA ILE A 260 20.43 -6.54 1.78
C ILE A 260 21.89 -7.00 1.62
N ALA A 261 22.37 -7.86 2.53
CA ALA A 261 23.71 -8.43 2.41
C ALA A 261 23.75 -9.33 1.18
N PRO A 262 24.93 -9.45 0.53
CA PRO A 262 25.05 -10.47 -0.50
C PRO A 262 24.87 -11.85 0.13
N ASP A 263 23.81 -12.55 -0.25
CA ASP A 263 23.46 -13.82 0.36
C ASP A 263 24.26 -14.94 -0.29
N TYR A 264 24.22 -14.98 -1.64
CA TYR A 264 24.99 -15.93 -2.42
C TYR A 264 25.43 -15.32 -3.75
N VAL A 265 26.38 -15.97 -4.40
CA VAL A 265 26.94 -15.52 -5.68
C VAL A 265 26.61 -16.53 -6.78
N VAL A 266 26.25 -16.02 -7.96
CA VAL A 266 26.13 -16.81 -9.19
C VAL A 266 27.15 -16.23 -10.16
N VAL A 267 28.25 -16.96 -10.36
CA VAL A 267 29.39 -16.47 -11.14
C VAL A 267 29.52 -17.24 -12.45
N GLU A 268 29.91 -16.56 -13.52
CA GLU A 268 30.11 -17.23 -14.81
C GLU A 268 31.21 -18.29 -14.62
N LYS A 269 30.96 -19.48 -15.18
CA LYS A 269 31.77 -20.70 -14.95
C LYS A 269 33.29 -20.46 -14.99
N SER A 270 33.76 -19.75 -16.01
CA SER A 270 35.18 -19.49 -16.21
C SER A 270 35.81 -18.52 -15.19
N MET A 271 34.99 -17.74 -14.48
CA MET A 271 35.46 -16.76 -13.50
C MET A 271 35.45 -17.22 -12.05
N GLU A 272 35.03 -18.46 -11.78
CA GLU A 272 34.88 -18.95 -10.41
C GLU A 272 36.17 -18.85 -9.59
N SER A 273 37.28 -19.32 -10.16
CA SER A 273 38.55 -19.38 -9.43
C SER A 273 39.09 -17.99 -9.12
N VAL A 274 39.13 -17.11 -10.13
CA VAL A 274 39.61 -15.73 -9.92
C VAL A 274 38.76 -14.94 -8.92
N LEU A 275 37.45 -15.14 -8.95
CA LEU A 275 36.56 -14.48 -7.98
C LEU A 275 36.82 -14.95 -6.56
N VAL A 276 36.87 -16.27 -6.38
CA VAL A 276 37.07 -16.86 -5.05
C VAL A 276 38.42 -16.43 -4.46
N ASP A 277 39.46 -16.46 -5.28
CA ASP A 277 40.79 -15.97 -4.87
C ASP A 277 40.76 -14.48 -4.50
N ALA A 278 40.08 -13.68 -5.31
CA ALA A 278 39.94 -12.24 -5.04
C ALA A 278 39.16 -11.96 -3.75
N LEU A 279 38.08 -12.71 -3.53
CA LEU A 279 37.31 -12.63 -2.27
C LEU A 279 38.17 -12.98 -1.05
N ALA A 280 39.01 -14.02 -1.19
CA ALA A 280 39.95 -14.40 -0.13
C ALA A 280 40.92 -13.29 0.21
N GLU A 281 41.48 -12.65 -0.82
CA GLU A 281 42.39 -11.51 -0.62
C GLU A 281 41.71 -10.32 0.03
N ALA A 282 40.50 -10.00 -0.43
CA ALA A 282 39.70 -8.92 0.17
C ALA A 282 39.41 -9.17 1.65
N ARG A 283 39.07 -10.42 1.98
CA ARG A 283 38.79 -10.83 3.37
C ARG A 283 39.99 -10.61 4.29
N LYS A 284 41.17 -11.07 3.84
CA LYS A 284 42.43 -10.88 4.60
C LYS A 284 42.73 -9.41 4.83
N ALA A 285 42.60 -8.62 3.77
CA ALA A 285 42.82 -7.17 3.84
C ALA A 285 41.90 -6.48 4.85
N MET A 286 40.62 -6.80 4.83
CA MET A 286 39.64 -6.13 5.69
C MET A 286 39.67 -6.56 7.16
N LEU A 287 39.91 -7.84 7.42
CA LEU A 287 39.92 -8.36 8.80
C LEU A 287 41.28 -8.31 9.45
N GLY A 288 42.35 -8.37 8.64
CA GLY A 288 43.71 -8.36 9.15
C GLY A 288 44.21 -9.75 9.49
N ASP A 289 45.53 -9.92 9.39
CA ASP A 289 46.20 -11.22 9.56
C ASP A 289 46.09 -11.72 11.00
N LYS A 290 46.34 -10.84 11.98
CA LYS A 290 46.35 -11.23 13.39
C LYS A 290 44.99 -11.75 13.87
N PHE A 291 43.92 -11.05 13.51
CA PHE A 291 42.56 -11.49 13.87
C PHE A 291 42.28 -12.91 13.35
N LEU A 292 42.54 -13.13 12.07
CA LEU A 292 42.31 -14.44 11.44
C LEU A 292 43.20 -15.53 12.04
N LYS A 293 44.48 -15.24 12.25
CA LYS A 293 45.40 -16.21 12.87
C LYS A 293 44.96 -16.65 14.26
N VAL A 294 44.49 -15.69 15.07
CA VAL A 294 44.01 -15.98 16.43
C VAL A 294 42.73 -16.81 16.38
N LEU A 295 41.81 -16.41 15.50
CA LEU A 295 40.56 -17.15 15.31
C LEU A 295 40.79 -18.57 14.78
N LYS A 296 41.74 -18.72 13.85
N LYS A 296 41.74 -18.73 13.85
CA LYS A 296 42.14 -20.02 13.32
CA LYS A 296 42.13 -20.03 13.31
C LYS A 296 42.82 -20.93 14.35
C LYS A 296 42.82 -20.93 14.35
N GLY A 297 43.48 -20.31 15.34
CA GLY A 297 44.25 -21.04 16.35
C GLY A 297 45.71 -21.19 15.97
N GLU A 298 46.17 -20.38 15.01
CA GLU A 298 47.56 -20.40 14.54
C GLU A 298 48.46 -19.42 15.30
N LEU A 299 47.85 -18.47 16.02
CA LEU A 299 48.57 -17.58 16.93
C LEU A 299 47.88 -17.61 18.28
N LEU A 300 48.60 -18.02 19.32
CA LEU A 300 48.05 -18.02 20.69
C LEU A 300 48.08 -16.61 21.27
N VAL A 301 47.09 -16.29 22.09
CA VAL A 301 47.10 -15.09 22.92
C VAL A 301 46.73 -15.51 24.34
N LYS A 302 47.08 -14.68 25.31
N LYS A 302 47.07 -14.68 25.31
CA LYS A 302 46.83 -14.98 26.73
CA LYS A 302 46.84 -14.98 26.72
C LYS A 302 45.35 -15.07 27.07
C LYS A 302 45.35 -15.07 27.07
N GLN A 303 44.54 -14.19 26.48
CA GLN A 303 43.08 -14.19 26.67
C GLN A 303 42.41 -14.18 25.29
N LYS A 304 42.14 -15.37 24.74
CA LYS A 304 41.57 -15.52 23.40
C LYS A 304 40.17 -14.94 23.28
N GLN A 305 39.32 -15.29 24.25
N GLN A 305 39.32 -15.29 24.25
CA GLN A 305 37.93 -14.82 24.27
CA GLN A 305 37.93 -14.81 24.28
C GLN A 305 37.86 -13.30 24.47
C GLN A 305 37.86 -13.30 24.48
N GLN A 306 38.72 -12.77 25.34
CA GLN A 306 38.84 -11.33 25.54
C GLN A 306 39.36 -10.61 24.28
N PHE A 307 40.32 -11.23 23.58
CA PHE A 307 40.84 -10.68 22.32
C PHE A 307 39.75 -10.56 21.26
N LEU A 308 38.94 -11.61 21.12
CA LEU A 308 37.85 -11.61 20.13
C LEU A 308 36.73 -10.64 20.48
N GLU A 309 36.43 -10.50 21.78
CA GLU A 309 35.43 -9.52 22.23
C GLU A 309 35.91 -8.07 22.09
N GLU A 310 37.23 -7.86 22.07
CA GLU A 310 37.85 -6.55 21.78
C GLU A 310 38.09 -6.28 20.29
N SER A 311 37.72 -7.23 19.42
CA SER A 311 38.00 -7.12 17.98
C SER A 311 37.05 -6.13 17.28
N ASP A 312 37.38 -5.84 16.02
CA ASP A 312 36.58 -4.95 15.17
C ASP A 312 35.49 -5.68 14.37
N TYR A 313 35.31 -6.98 14.64
CA TYR A 313 34.41 -7.82 13.85
C TYR A 313 33.14 -8.15 14.64
N PRO A 314 31.94 -7.88 14.06
CA PRO A 314 30.70 -8.07 14.81
C PRO A 314 30.35 -9.51 15.19
N ARG A 315 29.46 -9.63 16.16
CA ARG A 315 29.06 -10.89 16.75
C ARG A 315 27.78 -11.40 16.08
N ILE A 316 27.61 -12.71 16.08
CA ILE A 316 26.33 -13.33 15.70
C ILE A 316 25.36 -13.05 16.85
N VAL A 317 24.09 -12.83 16.52
CA VAL A 317 23.08 -12.37 17.50
C VAL A 317 22.95 -13.26 18.75
N ASN A 318 22.98 -14.57 18.56
CA ASN A 318 22.85 -15.52 19.67
C ASN A 318 23.38 -16.91 19.30
N ALA A 319 23.46 -17.80 20.30
CA ALA A 319 23.96 -19.17 20.11
C ALA A 319 23.18 -19.96 19.07
N SER A 320 21.86 -19.81 19.06
CA SER A 320 20.99 -20.52 18.11
C SER A 320 21.32 -20.17 16.65
N HIS A 321 21.46 -18.88 16.38
CA HIS A 321 21.86 -18.41 15.04
C HIS A 321 23.29 -18.85 14.68
N PHE A 322 24.19 -18.85 15.68
CA PHE A 322 25.56 -19.34 15.49
C PHE A 322 25.59 -20.80 15.02
N GLN A 323 24.87 -21.67 15.73
N GLN A 323 24.87 -21.67 15.73
CA GLN A 323 24.82 -23.10 15.39
CA GLN A 323 24.82 -23.10 15.39
C GLN A 323 24.21 -23.35 14.01
C GLN A 323 24.21 -23.34 14.01
N ARG A 324 23.16 -22.61 13.67
CA ARG A 324 22.52 -22.66 12.34
C ARG A 324 23.51 -22.33 11.21
N LEU A 325 24.30 -21.27 11.41
CA LEU A 325 25.31 -20.86 10.43
C LEU A 325 26.45 -21.86 10.31
N MET A 326 26.90 -22.42 11.44
CA MET A 326 27.91 -23.47 11.42
C MET A 326 27.44 -24.73 10.67
N GLU A 327 26.17 -25.11 10.85
CA GLU A 327 25.59 -26.23 10.09
C GLU A 327 25.48 -25.96 8.59
N PHE A 328 25.28 -24.70 8.20
CA PHE A 328 25.27 -24.31 6.77
C PHE A 328 26.58 -24.60 6.04
N MET A 329 27.71 -24.63 6.75
CA MET A 329 29.01 -24.98 6.15
C MET A 329 29.06 -26.41 5.60
N LYS A 330 28.16 -27.29 6.09
CA LYS A 330 28.07 -28.67 5.61
C LYS A 330 27.48 -28.79 4.20
N GLY A 331 26.75 -27.78 3.75
CA GLY A 331 26.13 -27.78 2.42
C GLY A 331 27.04 -27.52 1.23
N GLY A 332 28.34 -27.32 1.48
CA GLY A 332 29.33 -27.26 0.40
C GLY A 332 30.75 -27.40 0.90
N LYS A 333 31.71 -27.23 -0.01
CA LYS A 333 33.13 -27.25 0.32
C LYS A 333 33.54 -25.88 0.86
N VAL A 334 34.14 -25.86 2.05
CA VAL A 334 34.71 -24.62 2.60
C VAL A 334 35.95 -24.28 1.77
N ALA A 335 35.78 -23.40 0.78
CA ALA A 335 36.87 -22.95 -0.08
C ALA A 335 37.73 -21.89 0.60
N VAL A 336 37.09 -20.98 1.32
CA VAL A 336 37.78 -19.92 2.07
C VAL A 336 37.15 -19.81 3.45
N GLY A 337 37.99 -19.75 4.48
CA GLY A 337 37.55 -19.41 5.83
C GLY A 337 37.06 -20.58 6.68
N GLY A 338 35.88 -20.43 7.27
CA GLY A 338 35.30 -21.44 8.15
C GLY A 338 35.74 -21.35 9.61
N GLU A 339 36.48 -20.29 9.95
CA GLU A 339 37.01 -20.12 11.31
C GLU A 339 35.89 -19.58 12.20
N ALA A 340 35.79 -20.12 13.42
CA ALA A 340 34.74 -19.71 14.35
C ALA A 340 35.11 -19.90 15.81
N ASP A 341 34.44 -19.15 16.68
CA ASP A 341 34.55 -19.29 18.13
C ASP A 341 33.16 -19.13 18.74
N GLU A 342 32.66 -20.21 19.35
CA GLU A 342 31.30 -20.26 19.88
C GLU A 342 31.08 -19.34 21.08
N ALA A 343 32.03 -19.32 22.00
CA ALA A 343 31.91 -18.52 23.24
C ALA A 343 31.69 -17.03 22.96
N THR A 344 32.39 -16.49 21.97
CA THR A 344 32.27 -15.09 21.56
C THR A 344 31.36 -14.88 20.33
N LEU A 345 30.68 -15.94 19.89
CA LEU A 345 29.75 -15.91 18.74
C LEU A 345 30.39 -15.26 17.49
N THR A 346 31.59 -15.72 17.19
CA THR A 346 32.39 -15.18 16.09
C THR A 346 32.44 -16.22 14.98
N ILE A 347 32.01 -15.84 13.77
CA ILE A 347 32.17 -16.66 12.57
C ILE A 347 32.77 -15.77 11.48
N ALA A 348 33.97 -16.12 11.01
CA ALA A 348 34.62 -15.35 9.95
C ALA A 348 33.90 -15.57 8.61
N PRO A 349 33.98 -14.60 7.69
CA PRO A 349 33.37 -14.80 6.37
C PRO A 349 33.88 -16.08 5.71
N THR A 350 32.95 -16.88 5.21
CA THR A 350 33.24 -18.21 4.73
C THR A 350 32.61 -18.40 3.36
N ILE A 351 33.45 -18.76 2.39
CA ILE A 351 33.02 -18.97 1.00
C ILE A 351 32.84 -20.46 0.76
N LEU A 352 31.63 -20.85 0.36
CA LEU A 352 31.32 -22.24 0.05
C LEU A 352 31.25 -22.44 -1.45
N THR A 353 31.86 -23.51 -1.95
CA THR A 353 31.75 -23.93 -3.35
C THR A 353 31.17 -25.34 -3.40
N ASN A 354 30.89 -25.82 -4.62
CA ASN A 354 30.33 -27.16 -4.84
C ASN A 354 29.08 -27.37 -3.99
N ILE A 355 28.15 -26.42 -4.11
CA ILE A 355 26.95 -26.40 -3.27
C ILE A 355 25.92 -27.41 -3.77
N ASP A 356 25.22 -28.01 -2.81
CA ASP A 356 23.97 -28.72 -3.07
C ASP A 356 22.85 -27.66 -3.01
N PRO A 357 22.23 -27.31 -4.17
CA PRO A 357 21.18 -26.26 -4.15
C PRO A 357 19.96 -26.55 -3.27
N THR A 358 19.68 -27.84 -3.01
CA THR A 358 18.58 -28.25 -2.14
C THR A 358 18.91 -28.16 -0.64
N HIS A 359 20.19 -28.02 -0.28
CA HIS A 359 20.60 -27.85 1.12
C HIS A 359 20.00 -26.56 1.70
N PRO A 360 19.61 -26.56 2.99
CA PRO A 360 19.13 -25.35 3.67
C PRO A 360 19.90 -24.03 3.44
N VAL A 361 21.22 -24.10 3.25
CA VAL A 361 22.05 -22.91 2.97
C VAL A 361 21.65 -22.19 1.67
N MET A 362 21.11 -22.92 0.71
CA MET A 362 20.58 -22.32 -0.53
C MET A 362 19.05 -22.38 -0.65
N GLN A 363 18.37 -22.60 0.48
CA GLN A 363 16.92 -22.49 0.59
C GLN A 363 16.46 -21.36 1.51
N GLU A 364 17.24 -21.07 2.56
CA GLU A 364 16.88 -20.06 3.56
C GLU A 364 17.78 -18.83 3.43
N GLU A 365 17.27 -17.68 3.87
CA GLU A 365 18.08 -16.47 4.03
C GLU A 365 19.19 -16.78 5.02
N ILE A 366 20.43 -16.58 4.61
CA ILE A 366 21.58 -16.95 5.44
C ILE A 366 21.69 -16.00 6.64
N PHE A 367 21.71 -14.70 6.36
CA PHE A 367 21.77 -13.65 7.39
C PHE A 367 22.98 -13.88 8.30
N GLY A 368 24.14 -14.08 7.66
CA GLY A 368 25.35 -14.41 8.36
C GLY A 368 26.56 -14.46 7.45
N PRO A 369 27.73 -14.82 7.98
CA PRO A 369 28.98 -14.79 7.21
C PRO A 369 29.20 -15.89 6.14
N ILE A 370 28.20 -16.71 5.82
CA ILE A 370 28.36 -17.79 4.83
C ILE A 370 27.97 -17.27 3.44
N LEU A 371 28.87 -17.44 2.47
CA LEU A 371 28.65 -17.01 1.09
C LEU A 371 28.79 -18.20 0.13
N PRO A 372 27.66 -18.85 -0.23
CA PRO A 372 27.66 -19.85 -1.30
C PRO A 372 28.03 -19.24 -2.64
N VAL A 373 28.81 -19.98 -3.43
CA VAL A 373 29.20 -19.59 -4.78
C VAL A 373 28.70 -20.66 -5.74
N LEU A 374 27.75 -20.29 -6.59
CA LEU A 374 27.22 -21.16 -7.63
C LEU A 374 27.72 -20.66 -8.99
N THR A 375 27.72 -21.54 -9.99
CA THR A 375 28.16 -21.16 -11.34
C THR A 375 27.00 -21.19 -12.33
N TYR A 376 27.16 -20.44 -13.41
CA TYR A 376 26.24 -20.46 -14.54
C TYR A 376 27.03 -20.51 -15.86
N GLU A 377 26.39 -21.02 -16.90
CA GLU A 377 26.92 -20.98 -18.28
C GLU A 377 26.13 -20.02 -19.18
N ASN A 378 24.81 -20.01 -19.04
CA ASN A 378 23.94 -19.12 -19.83
C ASN A 378 22.91 -18.41 -18.94
N GLU A 379 22.18 -17.45 -19.52
CA GLU A 379 21.17 -16.68 -18.78
C GLU A 379 20.12 -17.58 -18.12
N LYS A 380 19.69 -18.61 -18.84
CA LYS A 380 18.67 -19.56 -18.36
C LYS A 380 19.06 -20.19 -17.01
N ASP A 381 20.35 -20.48 -16.83
CA ASP A 381 20.88 -21.02 -15.56
C ASP A 381 20.71 -20.02 -14.42
N ILE A 382 20.98 -18.74 -14.70
CA ILE A 382 20.87 -17.68 -13.69
C ILE A 382 19.41 -17.53 -13.28
N LEU A 383 18.52 -17.46 -14.27
CA LEU A 383 17.09 -17.26 -14.03
C LEU A 383 16.46 -18.43 -13.27
N LYS A 384 16.90 -19.65 -13.56
N LYS A 384 16.90 -19.65 -13.56
CA LYS A 384 16.43 -20.84 -12.84
CA LYS A 384 16.43 -20.85 -12.83
C LYS A 384 16.76 -20.80 -11.35
C LYS A 384 16.76 -20.80 -11.35
N ILE A 385 17.96 -20.31 -11.01
CA ILE A 385 18.39 -20.16 -9.63
C ILE A 385 17.59 -19.05 -8.93
N ILE A 386 17.53 -17.88 -9.55
CA ILE A 386 16.93 -16.69 -8.93
C ILE A 386 15.38 -16.74 -8.92
N ASN A 387 14.78 -17.07 -10.05
CA ASN A 387 13.31 -17.05 -10.18
C ASN A 387 12.59 -18.24 -9.53
N SER A 388 13.31 -19.28 -9.14
CA SER A 388 12.73 -20.37 -8.34
C SER A 388 12.68 -20.04 -6.84
N ARG A 389 13.28 -18.92 -6.43
CA ARG A 389 13.32 -18.52 -5.03
C ARG A 389 12.48 -17.27 -4.83
N GLU A 390 12.25 -16.91 -3.56
CA GLU A 390 11.39 -15.76 -3.24
C GLU A 390 12.06 -14.46 -3.69
N LYS A 391 11.23 -13.46 -3.95
CA LYS A 391 11.72 -12.17 -4.46
C LYS A 391 12.53 -11.52 -3.35
N PRO A 392 13.84 -11.29 -3.58
CA PRO A 392 14.69 -10.74 -2.53
C PRO A 392 14.62 -9.23 -2.45
N LEU A 393 15.07 -8.68 -1.33
CA LEU A 393 15.08 -7.24 -1.13
C LEU A 393 16.05 -6.52 -2.08
N ALA A 394 17.16 -7.17 -2.39
CA ALA A 394 18.15 -6.62 -3.33
C ALA A 394 18.61 -7.68 -4.32
N LEU A 395 19.04 -7.21 -5.49
CA LEU A 395 19.68 -8.06 -6.50
C LEU A 395 20.87 -7.29 -7.02
N TYR A 396 22.01 -7.94 -7.10
CA TYR A 396 23.27 -7.31 -7.48
C TYR A 396 23.83 -7.96 -8.74
N VAL A 397 24.28 -7.13 -9.69
CA VAL A 397 24.86 -7.61 -10.94
C VAL A 397 26.18 -6.90 -11.19
N PHE A 398 27.27 -7.68 -11.28
CA PHE A 398 28.57 -7.15 -11.65
C PHE A 398 28.83 -7.49 -13.12
N SER A 399 28.92 -6.46 -13.95
CA SER A 399 29.08 -6.61 -15.39
C SER A 399 29.44 -5.28 -16.06
N ASN A 400 30.21 -5.36 -17.15
CA ASN A 400 30.48 -4.22 -18.03
C ASN A 400 29.68 -4.32 -19.34
N ASN A 401 28.76 -5.29 -19.44
CA ASN A 401 27.98 -5.53 -20.66
C ASN A 401 26.52 -5.08 -20.47
N LYS A 402 26.13 -4.04 -21.22
CA LYS A 402 24.79 -3.44 -21.16
C LYS A 402 23.66 -4.44 -21.43
N ARG A 403 23.82 -5.24 -22.48
N ARG A 403 23.82 -5.24 -22.48
CA ARG A 403 22.81 -6.23 -22.87
CA ARG A 403 22.81 -6.23 -22.86
C ARG A 403 22.60 -7.30 -21.78
C ARG A 403 22.61 -7.30 -21.78
N PHE A 404 23.70 -7.76 -21.16
CA PHE A 404 23.62 -8.73 -20.06
C PHE A 404 22.86 -8.15 -18.87
N ILE A 405 23.21 -6.93 -18.49
CA ILE A 405 22.60 -6.25 -17.33
C ILE A 405 21.10 -6.05 -17.58
N ARG A 406 20.76 -5.56 -18.77
CA ARG A 406 19.36 -5.35 -19.18
C ARG A 406 18.55 -6.64 -19.14
N GLY A 407 19.16 -7.75 -19.61
CA GLY A 407 18.52 -9.06 -19.59
C GLY A 407 18.21 -9.57 -18.20
N VAL A 408 19.16 -9.42 -17.28
CA VAL A 408 18.99 -9.85 -15.88
C VAL A 408 17.93 -9.00 -15.17
N GLU A 409 18.00 -7.67 -15.35
CA GLU A 409 17.01 -6.74 -14.78
C GLU A 409 15.59 -7.07 -15.23
N SER A 410 15.41 -7.22 -16.54
CA SER A 410 14.09 -7.39 -17.13
C SER A 410 13.46 -8.76 -16.85
N ARG A 411 14.27 -9.76 -16.48
CA ARG A 411 13.78 -11.13 -16.25
C ARG A 411 13.78 -11.56 -14.77
N THR A 412 14.10 -10.64 -13.86
CA THR A 412 14.05 -10.91 -12.41
C THR A 412 13.21 -9.86 -11.69
N SER A 413 12.77 -10.20 -10.48
CA SER A 413 12.07 -9.26 -9.60
C SER A 413 12.76 -9.21 -8.23
N SER A 414 12.95 -7.99 -7.73
CA SER A 414 13.61 -7.77 -6.45
C SER A 414 13.21 -6.40 -5.93
N GLY A 415 13.45 -6.15 -4.65
CA GLY A 415 13.18 -4.84 -4.06
C GLY A 415 14.00 -3.72 -4.67
N ALA A 416 15.21 -4.05 -5.13
CA ALA A 416 16.05 -3.11 -5.87
C ALA A 416 17.11 -3.86 -6.68
N VAL A 417 17.72 -3.16 -7.62
CA VAL A 417 18.88 -3.66 -8.36
C VAL A 417 20.01 -2.63 -8.22
N VAL A 418 21.20 -3.11 -7.87
CA VAL A 418 22.41 -2.32 -7.96
C VAL A 418 23.36 -2.99 -8.94
N VAL A 419 23.90 -2.22 -9.88
CA VAL A 419 24.90 -2.73 -10.83
C VAL A 419 26.29 -2.31 -10.36
N ASN A 420 27.18 -3.31 -10.22
CA ASN A 420 28.58 -3.12 -9.83
C ASN A 420 28.82 -2.65 -8.40
N ASP A 421 27.86 -2.90 -7.51
CA ASP A 421 28.07 -2.67 -6.08
C ASP A 421 27.00 -3.41 -5.28
N VAL A 422 27.13 -3.38 -3.95
CA VAL A 422 26.17 -3.98 -3.03
C VAL A 422 25.85 -2.99 -1.90
N VAL A 423 24.64 -3.07 -1.35
CA VAL A 423 24.24 -2.40 -0.09
C VAL A 423 24.07 -0.86 -0.18
N VAL A 424 24.95 -0.18 -0.91
CA VAL A 424 25.03 1.30 -0.91
C VAL A 424 23.78 2.04 -1.34
N HIS A 425 22.92 1.40 -2.14
CA HIS A 425 21.63 1.97 -2.55
C HIS A 425 20.70 2.33 -1.40
N ALA A 426 20.83 1.65 -0.26
CA ALA A 426 20.03 1.95 0.95
C ALA A 426 20.22 3.38 1.46
N GLY A 427 21.43 3.92 1.32
CA GLY A 427 21.71 5.31 1.69
C GLY A 427 21.50 6.35 0.60
N ALA A 428 20.99 5.93 -0.56
CA ALA A 428 20.83 6.83 -1.70
C ALA A 428 19.63 7.77 -1.52
N ASP A 429 19.92 9.07 -1.47
CA ASP A 429 18.88 10.09 -1.28
C ASP A 429 18.15 10.32 -2.61
N GLY A 430 16.90 9.84 -2.70
CA GLY A 430 16.12 9.93 -3.92
C GLY A 430 15.47 8.61 -4.37
N LEU A 431 15.92 7.49 -3.82
CA LEU A 431 15.33 6.19 -4.11
C LEU A 431 14.38 5.75 -3.00
N PRO A 432 13.22 5.16 -3.37
CA PRO A 432 12.39 4.50 -2.36
C PRO A 432 13.03 3.18 -1.94
N PHE A 433 12.99 2.87 -0.65
CA PHE A 433 13.56 1.63 -0.13
C PHE A 433 12.46 0.68 0.35
N GLY A 434 12.37 -0.48 -0.29
CA GLY A 434 11.35 -1.45 0.06
C GLY A 434 11.48 -2.75 -0.71
N GLY A 435 10.68 -3.74 -0.31
CA GLY A 435 10.68 -5.06 -0.93
C GLY A 435 9.48 -5.29 -1.83
N VAL A 436 9.39 -6.54 -2.28
CA VAL A 436 8.26 -7.02 -3.08
C VAL A 436 8.09 -8.51 -2.77
N GLY A 437 6.85 -8.99 -2.80
CA GLY A 437 6.55 -10.37 -2.40
C GLY A 437 6.99 -10.62 -0.97
N ARG A 438 7.74 -11.70 -0.75
CA ARG A 438 8.17 -12.05 0.61
C ARG A 438 9.34 -11.19 1.16
N SER A 439 9.93 -10.31 0.35
CA SER A 439 10.86 -9.28 0.88
C SER A 439 10.11 -8.05 1.41
N GLY A 440 8.81 -7.97 1.16
CA GLY A 440 7.93 -7.00 1.81
C GLY A 440 7.00 -6.27 0.89
N MET A 441 6.30 -5.29 1.45
CA MET A 441 5.40 -4.41 0.69
C MET A 441 5.55 -2.99 1.20
N GLY A 442 5.37 -2.02 0.30
CA GLY A 442 5.57 -0.62 0.62
C GLY A 442 7.03 -0.20 0.57
N ALA A 443 7.27 1.09 0.72
CA ALA A 443 8.62 1.64 0.68
C ALA A 443 8.67 2.97 1.43
N TYR A 444 9.86 3.34 1.89
CA TYR A 444 10.05 4.61 2.59
C TYR A 444 11.46 5.18 2.31
N HIS A 445 11.84 6.21 3.08
CA HIS A 445 13.06 7.04 2.91
C HIS A 445 12.65 8.34 2.22
N GLY A 446 12.92 9.47 2.88
CA GLY A 446 12.75 10.80 2.29
C GLY A 446 11.33 11.11 1.88
N ARG A 447 11.16 11.54 0.63
CA ARG A 447 9.83 11.77 0.03
C ARG A 447 8.89 10.56 0.17
N TYR A 448 9.45 9.37 0.06
CA TYR A 448 8.65 8.13 0.06
C TYR A 448 8.17 7.77 1.46
N SER A 449 8.92 8.17 2.48
CA SER A 449 8.42 8.14 3.86
C SER A 449 7.23 9.08 4.01
N PHE A 450 7.40 10.32 3.54
CA PHE A 450 6.31 11.30 3.63
C PHE A 450 5.05 10.76 2.96
N GLU A 451 5.20 10.21 1.75
CA GLU A 451 4.06 9.65 1.01
C GLU A 451 3.45 8.44 1.72
N THR A 452 4.30 7.53 2.20
CA THR A 452 3.83 6.32 2.91
C THR A 452 3.03 6.65 4.17
N PHE A 453 3.46 7.68 4.92
CA PHE A 453 2.78 8.06 6.16
C PHE A 453 1.76 9.20 5.99
N SER A 454 1.32 9.44 4.76
CA SER A 454 0.27 10.42 4.45
C SER A 454 -0.84 9.76 3.64
N HIS A 455 -1.99 10.40 3.62
CA HIS A 455 -3.07 10.03 2.72
C HIS A 455 -3.10 11.05 1.59
N ARG A 456 -2.95 10.59 0.36
CA ARG A 456 -3.10 11.44 -0.83
C ARG A 456 -4.60 11.57 -1.11
N ARG A 457 -5.13 12.77 -0.95
CA ARG A 457 -6.57 13.03 -0.97
C ARG A 457 -6.98 13.90 -2.15
N PRO A 458 -7.67 13.30 -3.15
CA PRO A 458 -8.11 14.09 -4.30
C PRO A 458 -9.23 15.08 -3.96
N VAL A 459 -9.14 16.28 -4.51
CA VAL A 459 -10.16 17.31 -4.33
C VAL A 459 -10.59 17.81 -5.72
N MET A 460 -11.89 17.81 -5.99
CA MET A 460 -12.46 18.32 -7.23
C MET A 460 -13.39 19.48 -6.90
N ARG A 461 -13.14 20.66 -7.46
CA ARG A 461 -13.97 21.83 -7.22
C ARG A 461 -14.72 22.22 -8.49
N ARG A 462 -16.06 22.26 -8.38
CA ARG A 462 -16.94 22.59 -9.49
C ARG A 462 -17.72 23.86 -9.19
N GLY A 463 -18.31 24.43 -10.22
CA GLY A 463 -19.23 25.56 -10.10
C GLY A 463 -20.67 25.09 -10.26
N PHE A 464 -21.60 26.04 -10.18
CA PHE A 464 -23.03 25.74 -10.32
C PHE A 464 -23.58 25.86 -11.75
N LEU A 465 -22.71 26.13 -12.73
CA LEU A 465 -23.12 26.25 -14.13
C LEU A 465 -23.33 24.87 -14.75
N PHE A 466 -24.00 24.86 -15.91
CA PHE A 466 -24.23 23.66 -16.70
C PHE A 466 -22.92 23.12 -17.28
N SER A 467 -22.82 21.80 -17.41
CA SER A 467 -21.70 21.15 -18.10
C SER A 467 -22.15 19.85 -18.77
N SER A 468 -21.25 19.23 -19.53
CA SER A 468 -21.58 18.07 -20.38
C SER A 468 -22.22 16.88 -19.66
N ILE A 469 -21.83 16.64 -18.41
CA ILE A 469 -22.43 15.56 -17.60
C ILE A 469 -23.93 15.78 -17.35
N ASP A 470 -24.36 17.04 -17.25
CA ASP A 470 -25.76 17.39 -16.99
C ASP A 470 -26.72 17.11 -18.16
N THR A 471 -26.19 16.89 -19.37
CA THR A 471 -27.01 16.52 -20.53
C THR A 471 -27.60 15.11 -20.43
N VAL A 472 -26.95 14.23 -19.66
CA VAL A 472 -27.38 12.82 -19.57
C VAL A 472 -27.63 12.24 -18.16
N ARG A 473 -27.01 12.79 -17.11
CA ARG A 473 -27.04 12.12 -15.80
C ARG A 473 -28.41 12.11 -15.11
N PHE A 474 -29.20 13.18 -15.25
CA PHE A 474 -30.42 13.36 -14.47
C PHE A 474 -31.62 12.60 -15.04
N PRO A 475 -32.32 11.81 -14.19
CA PRO A 475 -33.66 11.34 -14.57
C PRO A 475 -34.65 12.52 -14.70
N PRO A 476 -35.83 12.33 -15.30
CA PRO A 476 -36.37 11.05 -15.74
C PRO A 476 -35.73 10.51 -17.02
N TYR A 477 -35.77 9.19 -17.18
CA TYR A 477 -35.11 8.53 -18.31
C TYR A 477 -36.06 8.54 -19.51
N THR A 478 -35.93 9.58 -20.31
CA THR A 478 -36.81 9.84 -21.45
C THR A 478 -36.28 9.17 -22.72
N THR A 479 -37.14 9.10 -23.73
CA THR A 479 -36.75 8.62 -25.06
C THR A 479 -35.67 9.53 -25.70
N ALA A 480 -35.76 10.83 -25.43
CA ALA A 480 -34.74 11.81 -25.85
C ALA A 480 -33.36 11.53 -25.27
N LYS A 481 -33.29 11.21 -23.97
CA LYS A 481 -32.03 10.86 -23.32
C LYS A 481 -31.43 9.58 -23.90
N SER A 482 -32.28 8.57 -24.11
CA SER A 482 -31.85 7.31 -24.73
C SER A 482 -31.21 7.52 -26.10
N ARG A 483 -31.81 8.39 -26.91
CA ARG A 483 -31.26 8.76 -28.23
C ARG A 483 -29.90 9.47 -28.12
N VAL A 484 -29.76 10.34 -27.12
CA VAL A 484 -28.50 11.05 -26.86
C VAL A 484 -27.39 10.09 -26.45
N LEU A 485 -27.69 9.19 -25.51
CA LEU A 485 -26.73 8.18 -25.05
C LEU A 485 -26.41 7.13 -26.12
N ASN A 486 -27.41 6.70 -26.89
CA ASN A 486 -27.19 5.76 -28.01
C ASN A 486 -26.27 6.34 -29.11
N SER A 487 -26.30 7.66 -29.29
CA SER A 487 -25.40 8.34 -30.23
C SER A 487 -23.92 8.26 -29.82
N LEU A 488 -23.66 8.24 -28.51
CA LEU A 488 -22.31 8.06 -27.97
C LEU A 488 -21.78 6.62 -28.11
N LEU A 489 -22.69 5.64 -28.09
CA LEU A 489 -22.33 4.21 -28.13
C LEU A 489 -22.16 3.61 -29.52
N LYS A 490 -22.73 4.25 -30.56
CA LYS A 490 -22.57 3.78 -31.95
C LYS A 490 -21.09 3.70 -32.36
N ALA B 6 -31.49 -19.68 -17.00
CA ALA B 6 -31.10 -19.92 -15.58
C ALA B 6 -30.98 -18.61 -14.79
N GLY B 7 -30.25 -17.64 -15.35
CA GLY B 7 -30.01 -16.35 -14.70
C GLY B 7 -28.97 -16.38 -13.58
N VAL B 8 -28.20 -17.47 -13.49
CA VAL B 8 -27.20 -17.68 -12.44
C VAL B 8 -26.00 -18.42 -13.03
N PRO B 9 -24.77 -18.07 -12.60
CA PRO B 9 -23.61 -18.84 -13.05
C PRO B 9 -23.48 -20.14 -12.24
N GLU B 10 -22.92 -21.17 -12.87
CA GLU B 10 -22.59 -22.41 -12.16
C GLU B 10 -21.46 -22.12 -11.17
N ASN B 11 -21.59 -22.62 -9.94
CA ASN B 11 -20.53 -22.46 -8.93
C ASN B 11 -19.29 -23.22 -9.37
N THR B 12 -18.13 -22.58 -9.21
CA THR B 12 -16.86 -23.25 -9.45
C THR B 12 -16.65 -24.29 -8.35
N SER B 13 -16.33 -25.52 -8.74
CA SER B 13 -16.05 -26.57 -7.76
C SER B 13 -14.78 -26.20 -7.00
N LEU B 14 -14.73 -26.57 -5.72
CA LEU B 14 -13.59 -26.23 -4.87
C LEU B 14 -12.29 -26.85 -5.38
N GLU B 15 -12.36 -28.03 -5.98
CA GLU B 15 -11.20 -28.70 -6.56
C GLU B 15 -10.63 -27.96 -7.79
N ASN B 16 -11.50 -27.29 -8.55
CA ASN B 16 -11.07 -26.52 -9.73
C ASN B 16 -10.46 -25.15 -9.41
N ILE B 17 -10.68 -24.62 -8.20
CA ILE B 17 -10.16 -23.31 -7.82
C ILE B 17 -8.61 -23.25 -7.87
N PRO B 18 -7.91 -24.22 -7.24
CA PRO B 18 -6.44 -24.29 -7.39
C PRO B 18 -5.95 -24.42 -8.84
N VAL B 19 -6.70 -25.13 -9.67
CA VAL B 19 -6.33 -25.34 -11.08
C VAL B 19 -6.41 -24.01 -11.85
N ILE B 20 -7.51 -23.29 -11.64
CA ILE B 20 -7.73 -21.98 -12.27
C ILE B 20 -6.60 -21.00 -11.91
N VAL B 21 -6.29 -20.90 -10.63
CA VAL B 21 -5.21 -20.00 -10.17
C VAL B 21 -3.85 -20.45 -10.72
N SER B 22 -3.58 -21.75 -10.67
N SER B 22 -3.56 -21.75 -10.68
CA SER B 22 -2.33 -22.33 -11.18
CA SER B 22 -2.28 -22.27 -11.17
C SER B 22 -2.09 -22.06 -12.66
C SER B 22 -2.08 -22.08 -12.68
N LYS B 23 -3.15 -22.16 -13.45
CA LYS B 23 -3.09 -21.86 -14.90
C LYS B 23 -2.74 -20.39 -15.15
N CYS B 24 -3.34 -19.48 -14.38
CA CYS B 24 -3.02 -18.05 -14.45
C CYS B 24 -1.58 -17.75 -14.01
N ARG B 25 -1.13 -18.44 -12.96
CA ARG B 25 0.26 -18.35 -12.47
C ARG B 25 1.26 -18.79 -13.55
N GLU B 26 1.02 -19.96 -14.13
CA GLU B 26 1.86 -20.50 -15.20
C GLU B 26 1.88 -19.57 -16.42
N ALA B 27 0.71 -19.02 -16.77
CA ALA B 27 0.58 -18.06 -17.87
C ALA B 27 1.43 -16.80 -17.64
N PHE B 28 1.35 -16.24 -16.42
CA PHE B 28 2.21 -15.12 -16.05
C PHE B 28 3.68 -15.48 -16.21
N ASN B 29 4.08 -16.61 -15.62
CA ASN B 29 5.46 -17.10 -15.71
C ASN B 29 5.92 -17.36 -17.17
N ASP B 30 4.98 -17.74 -18.03
CA ASP B 30 5.26 -17.93 -19.47
C ASP B 30 5.09 -16.64 -20.31
N ASP B 31 5.11 -15.47 -19.68
CA ASP B 31 5.05 -14.16 -20.36
C ASP B 31 3.78 -13.96 -21.21
N ALA B 32 2.66 -14.55 -20.77
CA ALA B 32 1.39 -14.45 -21.50
C ALA B 32 0.86 -13.03 -21.62
N ASN B 33 1.26 -12.13 -20.71
CA ASN B 33 0.84 -10.73 -20.75
C ASN B 33 2.00 -9.75 -20.53
N ARG B 34 3.21 -10.16 -20.92
CA ARG B 34 4.41 -9.37 -20.68
C ARG B 34 4.58 -8.25 -21.71
N ASP B 35 4.61 -8.64 -22.99
N ASP B 35 4.61 -8.65 -22.98
CA ASP B 35 4.85 -7.69 -24.08
CA ASP B 35 4.81 -7.71 -24.09
C ASP B 35 3.68 -6.72 -24.19
C ASP B 35 3.66 -6.71 -24.19
N LEU B 36 3.98 -5.44 -24.44
CA LEU B 36 2.97 -4.38 -24.56
C LEU B 36 1.95 -4.66 -25.66
N LYS B 37 2.41 -5.27 -26.76
CA LYS B 37 1.52 -5.71 -27.83
C LYS B 37 0.42 -6.64 -27.34
N LYS B 38 0.79 -7.61 -26.50
CA LYS B 38 -0.18 -8.53 -25.89
C LYS B 38 -1.14 -7.81 -24.95
N ARG B 39 -0.63 -6.88 -24.15
CA ARG B 39 -1.45 -6.12 -23.20
C ARG B 39 -2.49 -5.25 -23.92
N LYS B 40 -2.07 -4.56 -24.98
CA LYS B 40 -2.98 -3.77 -25.80
C LYS B 40 -4.03 -4.63 -26.51
N GLN B 41 -3.63 -5.81 -27.01
CA GLN B 41 -4.57 -6.78 -27.59
C GLN B 41 -5.67 -7.18 -26.60
N VAL B 42 -5.28 -7.48 -25.37
CA VAL B 42 -6.24 -7.88 -24.33
C VAL B 42 -7.17 -6.73 -23.94
N LEU B 43 -6.62 -5.54 -23.78
CA LEU B 43 -7.42 -4.35 -23.49
C LEU B 43 -8.42 -4.04 -24.62
N ARG B 44 -7.95 -4.08 -25.86
CA ARG B 44 -8.82 -3.90 -27.03
C ARG B 44 -9.94 -4.96 -27.10
N SER B 45 -9.60 -6.23 -26.74
N SER B 45 -9.60 -6.21 -26.75
CA SER B 45 -10.59 -7.33 -26.69
CA SER B 45 -10.59 -7.30 -26.71
C SER B 45 -11.64 -7.12 -25.58
C SER B 45 -11.62 -7.12 -25.59
N LEU B 46 -11.20 -6.58 -24.45
CA LEU B 46 -12.13 -6.24 -23.35
C LEU B 46 -13.00 -5.04 -23.70
N LEU B 47 -12.48 -4.08 -24.47
CA LEU B 47 -13.31 -3.02 -25.05
C LEU B 47 -14.39 -3.62 -25.94
N ASN B 48 -14.01 -4.57 -26.80
CA ASN B 48 -14.96 -5.29 -27.65
C ASN B 48 -15.99 -6.06 -26.82
N LEU B 49 -15.55 -6.70 -25.73
CA LEU B 49 -16.47 -7.36 -24.78
C LEU B 49 -17.59 -6.42 -24.32
N VAL B 50 -17.21 -5.21 -23.91
CA VAL B 50 -18.17 -4.23 -23.41
C VAL B 50 -19.04 -3.68 -24.55
N GLU B 51 -18.40 -3.23 -25.63
CA GLU B 51 -19.10 -2.56 -26.74
C GLU B 51 -20.02 -3.49 -27.54
N GLU B 52 -19.55 -4.69 -27.86
CA GLU B 52 -20.35 -5.65 -28.63
C GLU B 52 -21.55 -6.19 -27.85
N ASN B 53 -21.46 -6.18 -26.51
CA ASN B 53 -22.50 -6.75 -25.65
C ASN B 53 -23.16 -5.74 -24.70
N THR B 54 -23.11 -4.45 -25.06
CA THR B 54 -23.68 -3.39 -24.23
C THR B 54 -25.17 -3.59 -23.93
N ASP B 55 -25.94 -3.96 -24.96
CA ASP B 55 -27.38 -4.17 -24.84
C ASP B 55 -27.72 -5.28 -23.84
N GLU B 56 -27.06 -6.43 -23.98
N GLU B 56 -27.07 -6.43 -23.99
CA GLU B 56 -27.29 -7.58 -23.11
CA GLU B 56 -27.31 -7.58 -23.10
C GLU B 56 -26.79 -7.36 -21.68
C GLU B 56 -26.81 -7.34 -21.67
N PHE B 57 -25.68 -6.63 -21.52
CA PHE B 57 -25.18 -6.26 -20.17
C PHE B 57 -26.17 -5.35 -19.44
N CYS B 58 -26.70 -4.35 -20.14
CA CYS B 58 -27.74 -3.47 -19.56
C CYS B 58 -28.98 -4.25 -19.14
N LYS B 59 -29.36 -5.24 -19.94
CA LYS B 59 -30.50 -6.12 -19.61
C LYS B 59 -30.22 -7.01 -18.39
N ALA B 60 -28.99 -7.56 -18.31
CA ALA B 60 -28.59 -8.38 -17.17
C ALA B 60 -28.51 -7.55 -15.89
N ILE B 61 -27.93 -6.36 -16.00
CA ILE B 61 -27.85 -5.42 -14.89
C ILE B 61 -29.26 -4.96 -14.48
N HIS B 62 -30.14 -4.75 -15.46
CA HIS B 62 -31.55 -4.46 -15.17
C HIS B 62 -32.24 -5.60 -14.41
N ARG B 63 -31.96 -6.84 -14.80
CA ARG B 63 -32.53 -8.00 -14.09
C ARG B 63 -32.05 -8.05 -12.63
N ASP B 64 -30.76 -7.80 -12.42
CA ASP B 64 -30.18 -7.82 -11.07
C ASP B 64 -30.59 -6.62 -10.19
N ARG B 65 -30.51 -5.41 -10.75
N ARG B 65 -30.51 -5.41 -10.74
CA ARG B 65 -30.66 -4.17 -9.98
CA ARG B 65 -30.67 -4.17 -9.96
C ARG B 65 -31.96 -3.39 -10.22
C ARG B 65 -31.99 -3.41 -10.20
N ARG B 66 -32.71 -3.77 -11.26
CA ARG B 66 -33.81 -2.92 -11.80
C ARG B 66 -33.35 -1.50 -12.15
N ARG B 67 -32.09 -1.40 -12.58
N ARG B 67 -32.08 -1.38 -12.56
CA ARG B 67 -31.49 -0.14 -12.97
CA ARG B 67 -31.52 -0.11 -12.96
C ARG B 67 -31.78 0.09 -14.45
C ARG B 67 -31.82 0.09 -14.45
N HIS B 68 -32.21 1.31 -14.80
CA HIS B 68 -32.54 1.65 -16.19
C HIS B 68 -31.28 1.63 -17.07
N ARG B 69 -31.45 1.20 -18.32
N ARG B 69 -31.45 1.20 -18.33
CA ARG B 69 -30.36 1.10 -19.30
CA ARG B 69 -30.36 1.09 -19.29
C ARG B 69 -29.48 2.35 -19.38
C ARG B 69 -29.48 2.35 -19.39
N ASP B 70 -30.13 3.52 -19.46
CA ASP B 70 -29.43 4.81 -19.52
C ASP B 70 -28.61 5.10 -18.26
N GLU B 71 -29.12 4.71 -17.10
CA GLU B 71 -28.37 4.84 -15.84
C GLU B 71 -27.12 3.95 -15.88
N THR B 72 -27.29 2.72 -16.36
CA THR B 72 -26.17 1.78 -16.51
C THR B 72 -25.14 2.26 -17.54
N VAL B 73 -25.61 2.88 -18.62
CA VAL B 73 -24.70 3.44 -19.63
C VAL B 73 -23.83 4.56 -19.01
N VAL B 74 -24.47 5.46 -18.28
CA VAL B 74 -23.78 6.60 -17.63
C VAL B 74 -22.82 6.12 -16.54
N MET B 75 -23.26 5.17 -15.71
CA MET B 75 -22.52 4.75 -14.51
C MET B 75 -21.49 3.65 -14.74
N GLU B 76 -21.71 2.79 -15.73
CA GLU B 76 -20.85 1.60 -15.94
C GLU B 76 -20.23 1.51 -17.33
N ILE B 77 -21.04 1.57 -18.38
CA ILE B 77 -20.57 1.31 -19.75
C ILE B 77 -19.58 2.39 -20.22
N LEU B 78 -19.99 3.65 -20.13
CA LEU B 78 -19.14 4.76 -20.58
C LEU B 78 -17.82 4.91 -19.77
N PRO B 79 -17.89 4.83 -18.44
CA PRO B 79 -16.64 4.82 -17.65
C PRO B 79 -15.68 3.68 -17.99
N LEU B 80 -16.22 2.49 -18.26
CA LEU B 80 -15.38 1.36 -18.69
C LEU B 80 -14.72 1.62 -20.05
N ARG B 81 -15.49 2.15 -21.00
N ARG B 81 -15.49 2.16 -21.00
CA ARG B 81 -14.95 2.51 -22.32
CA ARG B 81 -14.98 2.54 -22.32
C ARG B 81 -13.80 3.53 -22.20
C ARG B 81 -13.84 3.55 -22.22
N ASN B 82 -14.04 4.57 -21.41
CA ASN B 82 -13.02 5.61 -21.16
C ASN B 82 -11.77 5.05 -20.46
N GLU B 83 -11.98 4.11 -19.54
CA GLU B 83 -10.86 3.45 -18.85
C GLU B 83 -9.96 2.67 -19.81
N VAL B 84 -10.58 1.89 -20.70
CA VAL B 84 -9.80 1.11 -21.68
C VAL B 84 -9.01 2.05 -22.59
N TRP B 85 -9.68 3.08 -23.12
CA TRP B 85 -9.02 4.04 -24.00
C TRP B 85 -7.86 4.74 -23.30
N HIS B 86 -8.08 5.17 -22.06
CA HIS B 86 -7.01 5.76 -21.25
C HIS B 86 -5.81 4.83 -21.14
N LEU B 87 -6.05 3.58 -20.75
CA LEU B 87 -4.97 2.62 -20.51
C LEU B 87 -4.19 2.26 -21.79
N ILE B 88 -4.89 2.08 -22.90
CA ILE B 88 -4.24 1.83 -24.20
C ILE B 88 -3.41 3.05 -24.64
N GLU B 89 -4.05 4.23 -24.63
CA GLU B 89 -3.39 5.50 -25.03
C GLU B 89 -2.11 5.81 -24.27
N HIS B 90 -2.13 5.59 -22.94
CA HIS B 90 -1.04 6.01 -22.07
C HIS B 90 -0.06 4.90 -21.64
N MET B 91 -0.25 3.67 -22.12
CA MET B 91 0.56 2.53 -21.67
C MET B 91 2.05 2.74 -21.89
N ASP B 92 2.42 3.20 -23.09
CA ASP B 92 3.84 3.42 -23.41
C ASP B 92 4.48 4.46 -22.49
N GLU B 93 3.72 5.48 -22.10
CA GLU B 93 4.19 6.45 -21.12
C GLU B 93 4.38 5.81 -19.74
N TYR B 94 3.40 5.03 -19.30
CA TYR B 94 3.42 4.45 -17.95
C TYR B 94 4.52 3.41 -17.74
N VAL B 95 4.82 2.62 -18.76
CA VAL B 95 5.84 1.56 -18.64
C VAL B 95 7.30 2.07 -18.58
N LYS B 96 7.55 3.29 -19.05
CA LYS B 96 8.93 3.81 -19.17
C LYS B 96 9.55 4.05 -17.79
N PRO B 97 10.88 3.83 -17.67
CA PRO B 97 11.52 4.17 -16.40
C PRO B 97 11.49 5.67 -16.11
N VAL B 98 11.36 6.02 -14.83
CA VAL B 98 11.40 7.40 -14.37
C VAL B 98 12.80 7.68 -13.81
N LYS B 99 13.33 8.86 -14.13
CA LYS B 99 14.62 9.30 -13.63
C LYS B 99 14.39 10.13 -12.36
N PRO B 100 14.66 9.56 -11.18
CA PRO B 100 14.33 10.28 -9.94
C PRO B 100 15.32 11.41 -9.65
N THR B 101 14.90 12.38 -8.86
CA THR B 101 15.77 13.44 -8.37
C THR B 101 16.69 12.89 -7.29
N MET B 102 17.99 12.85 -7.59
CA MET B 102 19.00 12.31 -6.69
C MET B 102 19.81 13.46 -6.06
N GLU B 103 20.21 13.27 -4.81
N GLU B 103 20.19 13.28 -4.81
CA GLU B 103 21.03 14.23 -4.07
CA GLU B 103 21.04 14.24 -4.08
C GLU B 103 22.16 13.49 -3.35
C GLU B 103 22.16 13.49 -3.37
N GLY B 104 23.26 14.19 -3.09
CA GLY B 104 24.42 13.60 -2.42
C GLY B 104 25.21 12.66 -3.32
N ALA B 105 25.86 11.66 -2.72
CA ALA B 105 26.75 10.73 -3.45
C ALA B 105 26.04 9.95 -4.56
N ALA B 106 24.78 9.58 -4.33
CA ALA B 106 23.99 8.84 -5.32
C ALA B 106 23.72 9.59 -6.62
N ALA B 107 23.78 10.93 -6.57
CA ALA B 107 23.60 11.77 -7.77
C ALA B 107 24.66 11.55 -8.85
N LEU B 108 25.83 11.04 -8.47
CA LEU B 108 26.89 10.69 -9.43
C LEU B 108 26.65 9.37 -10.15
N ASP B 109 25.75 8.52 -9.64
CA ASP B 109 25.43 7.24 -10.26
C ASP B 109 24.24 7.36 -11.23
N ASP B 110 24.04 6.32 -12.02
CA ASP B 110 22.89 6.25 -12.94
C ASP B 110 21.74 5.51 -12.25
N CYS B 111 20.71 6.27 -11.85
CA CYS B 111 19.56 5.74 -11.11
C CYS B 111 18.25 5.87 -11.90
N GLU B 112 17.38 4.87 -11.70
CA GLU B 112 16.09 4.74 -12.39
C GLU B 112 15.05 4.14 -11.44
N LEU B 113 13.79 4.49 -11.67
CA LEU B 113 12.65 3.78 -11.09
C LEU B 113 11.95 3.03 -12.23
N GLN B 114 12.09 1.70 -12.24
CA GLN B 114 11.43 0.87 -13.24
C GLN B 114 10.11 0.37 -12.68
N TYR B 115 9.17 0.06 -13.56
CA TYR B 115 7.90 -0.55 -13.17
C TYR B 115 7.86 -1.96 -13.71
N GLU B 116 7.54 -2.92 -12.85
CA GLU B 116 7.43 -4.32 -13.26
C GLU B 116 6.10 -4.92 -12.80
N PRO B 117 5.60 -5.93 -13.54
CA PRO B 117 4.39 -6.62 -13.10
C PRO B 117 4.58 -7.35 -11.76
N LEU B 118 3.47 -7.60 -11.06
CA LEU B 118 3.48 -8.30 -9.78
C LEU B 118 3.34 -9.81 -9.95
N GLY B 119 2.42 -10.25 -10.81
CA GLY B 119 2.15 -11.67 -11.01
C GLY B 119 0.69 -11.90 -11.30
N VAL B 120 -0.01 -12.59 -10.39
CA VAL B 120 -1.44 -12.84 -10.52
C VAL B 120 -2.19 -11.96 -9.53
N VAL B 121 -3.19 -11.23 -10.05
CA VAL B 121 -4.03 -10.34 -9.25
C VAL B 121 -5.41 -10.97 -9.08
N LEU B 122 -5.91 -10.96 -7.84
CA LEU B 122 -7.30 -11.37 -7.58
C LEU B 122 -8.17 -10.13 -7.48
N VAL B 123 -9.28 -10.12 -8.21
CA VAL B 123 -10.29 -9.06 -8.13
C VAL B 123 -11.60 -9.65 -7.63
N ILE B 124 -12.05 -9.19 -6.46
CA ILE B 124 -13.33 -9.62 -5.90
C ILE B 124 -14.33 -8.50 -6.14
N GLY B 125 -15.36 -8.79 -6.93
CA GLY B 125 -16.34 -7.81 -7.32
C GLY B 125 -17.43 -7.63 -6.28
N THR B 126 -18.25 -6.61 -6.49
CA THR B 126 -19.43 -6.38 -5.66
C THR B 126 -20.66 -6.30 -6.55
N TRP B 127 -21.83 -6.23 -5.92
CA TRP B 127 -23.13 -6.41 -6.61
C TRP B 127 -23.77 -5.11 -7.11
N ASN B 128 -23.42 -3.97 -6.53
CA ASN B 128 -24.16 -2.72 -6.76
C ASN B 128 -23.89 -2.10 -8.15
N TYR B 129 -22.64 -2.17 -8.61
CA TYR B 129 -22.28 -1.86 -10.01
C TYR B 129 -21.43 -3.03 -10.49
N PRO B 130 -22.11 -4.14 -10.87
CA PRO B 130 -21.43 -5.43 -11.00
C PRO B 130 -20.53 -5.59 -12.21
N LEU B 131 -20.67 -4.73 -13.23
CA LEU B 131 -19.76 -4.76 -14.38
C LEU B 131 -18.57 -3.83 -14.15
N LEU B 132 -18.86 -2.58 -13.78
CA LEU B 132 -17.82 -1.58 -13.51
C LEU B 132 -16.80 -2.05 -12.48
N LEU B 133 -17.30 -2.54 -11.35
CA LEU B 133 -16.44 -2.82 -10.20
C LEU B 133 -15.77 -4.20 -10.23
N ILE B 134 -15.99 -4.96 -11.31
CA ILE B 134 -15.17 -6.14 -11.63
C ILE B 134 -14.21 -5.84 -12.79
N LEU B 135 -14.70 -5.19 -13.85
CA LEU B 135 -13.86 -4.93 -15.04
C LEU B 135 -12.88 -3.75 -14.88
N GLN B 136 -13.26 -2.69 -14.18
CA GLN B 136 -12.37 -1.53 -14.05
C GLN B 136 -11.04 -1.88 -13.36
N PRO B 137 -11.08 -2.61 -12.21
CA PRO B 137 -9.83 -3.10 -11.62
C PRO B 137 -9.06 -4.07 -12.53
N LEU B 138 -9.78 -5.00 -13.18
CA LEU B 138 -9.17 -5.96 -14.09
C LEU B 138 -8.38 -5.27 -15.21
N LEU B 139 -8.99 -4.27 -15.85
CA LEU B 139 -8.32 -3.53 -16.93
C LEU B 139 -6.97 -2.99 -16.49
N GLY B 140 -6.95 -2.39 -15.30
CA GLY B 140 -5.73 -1.89 -14.69
C GLY B 140 -4.68 -2.95 -14.42
N ALA B 141 -5.10 -4.08 -13.88
CA ALA B 141 -4.19 -5.20 -13.58
C ALA B 141 -3.55 -5.76 -14.86
N LEU B 142 -4.34 -5.86 -15.92
CA LEU B 142 -3.85 -6.37 -17.21
C LEU B 142 -2.95 -5.35 -17.93
N ALA B 143 -3.26 -4.06 -17.77
CA ALA B 143 -2.40 -2.99 -18.30
C ALA B 143 -0.98 -3.02 -17.72
N ALA B 144 -0.88 -3.43 -16.45
CA ALA B 144 0.40 -3.56 -15.74
C ALA B 144 1.15 -4.88 -16.00
N GLY B 145 0.63 -5.73 -16.89
CA GLY B 145 1.31 -6.97 -17.30
C GLY B 145 1.11 -8.15 -16.38
N ASN B 146 0.07 -8.09 -15.55
CA ASN B 146 -0.29 -9.22 -14.69
C ASN B 146 -1.27 -10.12 -15.43
N THR B 147 -1.44 -11.33 -14.90
CA THR B 147 -2.64 -12.11 -15.18
C THR B 147 -3.55 -11.94 -13.97
N ALA B 148 -4.78 -12.44 -14.06
CA ALA B 148 -5.76 -12.17 -13.03
C ALA B 148 -6.78 -13.27 -12.86
N VAL B 149 -7.36 -13.32 -11.66
CA VAL B 149 -8.54 -14.12 -11.39
C VAL B 149 -9.62 -13.16 -10.89
N ILE B 150 -10.83 -13.29 -11.43
CA ILE B 150 -11.95 -12.46 -11.02
C ILE B 150 -12.99 -13.29 -10.28
N LYS B 151 -13.63 -12.68 -9.29
CA LYS B 151 -14.65 -13.35 -8.48
C LYS B 151 -15.91 -12.47 -8.48
N PRO B 152 -16.83 -12.71 -9.44
CA PRO B 152 -18.06 -11.91 -9.51
C PRO B 152 -18.96 -12.12 -8.29
N SER B 153 -19.66 -11.06 -7.89
CA SER B 153 -20.58 -11.13 -6.76
C SER B 153 -21.77 -12.04 -7.08
N GLU B 154 -22.12 -12.90 -6.13
CA GLU B 154 -23.28 -13.78 -6.26
C GLU B 154 -24.62 -13.03 -6.12
N LEU B 155 -24.58 -11.81 -5.58
CA LEU B 155 -25.78 -10.96 -5.46
C LEU B 155 -26.08 -10.13 -6.73
N ALA B 156 -25.33 -10.35 -7.82
CA ALA B 156 -25.69 -9.89 -9.16
C ALA B 156 -25.54 -11.06 -10.13
N PRO B 157 -26.38 -12.10 -9.98
CA PRO B 157 -26.16 -13.36 -10.69
C PRO B 157 -26.34 -13.31 -12.22
N ALA B 158 -27.30 -12.51 -12.71
CA ALA B 158 -27.51 -12.38 -14.16
C ALA B 158 -26.28 -11.78 -14.84
N THR B 159 -25.69 -10.77 -14.21
CA THR B 159 -24.47 -10.13 -14.71
C THR B 159 -23.29 -11.11 -14.63
N ALA B 160 -23.18 -11.85 -13.52
CA ALA B 160 -22.13 -12.85 -13.34
C ALA B 160 -22.22 -13.96 -14.40
N GLU B 161 -23.43 -14.42 -14.68
CA GLU B 161 -23.66 -15.44 -15.70
C GLU B 161 -23.22 -14.95 -17.09
N LEU B 162 -23.70 -13.77 -17.47
CA LEU B 162 -23.39 -13.19 -18.77
C LEU B 162 -21.89 -12.94 -18.96
N LEU B 163 -21.25 -12.34 -17.95
CA LEU B 163 -19.81 -12.08 -18.00
C LEU B 163 -19.01 -13.37 -18.10
N THR B 164 -19.41 -14.39 -17.33
CA THR B 164 -18.75 -15.69 -17.34
C THR B 164 -18.88 -16.36 -18.72
N LYS B 165 -20.06 -16.25 -19.33
CA LYS B 165 -20.29 -16.77 -20.68
C LYS B 165 -19.45 -16.03 -21.74
N LEU B 166 -19.42 -14.70 -21.67
CA LEU B 166 -18.80 -13.88 -22.72
C LEU B 166 -17.29 -13.77 -22.64
N LEU B 167 -16.75 -13.67 -21.42
CA LEU B 167 -15.33 -13.35 -21.23
C LEU B 167 -14.34 -14.26 -21.98
N PRO B 168 -14.52 -15.60 -21.93
CA PRO B 168 -13.65 -16.52 -22.70
C PRO B 168 -13.58 -16.25 -24.20
N LYS B 169 -14.64 -15.69 -24.79
CA LYS B 169 -14.66 -15.33 -26.21
C LYS B 169 -13.75 -14.13 -26.54
N TYR B 170 -13.40 -13.33 -25.53
CA TYR B 170 -12.51 -12.16 -25.71
C TYR B 170 -11.12 -12.29 -25.10
N VAL B 171 -11.01 -12.96 -23.95
N VAL B 171 -10.99 -12.99 -23.97
CA VAL B 171 -9.73 -13.11 -23.26
CA VAL B 171 -9.70 -13.18 -23.31
C VAL B 171 -9.57 -14.55 -22.79
C VAL B 171 -9.54 -14.62 -22.85
N SER B 172 -8.36 -15.07 -22.97
N SER B 172 -8.32 -15.15 -22.98
CA SER B 172 -8.01 -16.42 -22.54
CA SER B 172 -8.06 -16.51 -22.59
C SER B 172 -8.26 -16.64 -21.06
C SER B 172 -8.23 -16.67 -21.08
N SER B 173 -8.68 -17.87 -20.69
CA SER B 173 -8.81 -18.25 -19.28
C SER B 173 -7.46 -18.34 -18.55
N ASP B 174 -6.39 -18.51 -19.31
CA ASP B 174 -5.02 -18.43 -18.80
C ASP B 174 -4.66 -17.02 -18.32
N VAL B 175 -5.17 -15.99 -18.99
CA VAL B 175 -4.88 -14.60 -18.64
C VAL B 175 -5.89 -14.05 -17.64
N VAL B 176 -7.18 -14.39 -17.80
CA VAL B 176 -8.22 -14.04 -16.83
C VAL B 176 -9.05 -15.26 -16.44
N GLY B 177 -8.77 -15.81 -15.26
CA GLY B 177 -9.56 -16.91 -14.70
C GLY B 177 -10.80 -16.37 -14.00
N ILE B 178 -11.82 -17.20 -13.88
CA ILE B 178 -13.08 -16.80 -13.22
C ILE B 178 -13.45 -17.82 -12.15
N VAL B 179 -13.74 -17.34 -10.95
CA VAL B 179 -14.28 -18.17 -9.86
C VAL B 179 -15.66 -17.63 -9.51
N ASN B 180 -16.68 -18.49 -9.59
CA ASN B 180 -18.06 -18.12 -9.32
C ASN B 180 -18.53 -18.82 -8.05
N GLY B 181 -19.32 -18.10 -7.25
CA GLY B 181 -19.94 -18.64 -6.04
C GLY B 181 -20.05 -17.64 -4.92
N GLY B 182 -20.37 -18.15 -3.73
CA GLY B 182 -20.60 -17.34 -2.54
C GLY B 182 -19.44 -17.41 -1.56
N VAL B 183 -19.77 -17.59 -0.29
CA VAL B 183 -18.77 -17.54 0.79
C VAL B 183 -17.78 -18.70 0.67
N SER B 184 -18.30 -19.90 0.43
CA SER B 184 -17.48 -21.11 0.29
C SER B 184 -16.40 -20.94 -0.78
N GLU B 185 -16.80 -20.46 -1.95
CA GLU B 185 -15.88 -20.34 -3.09
C GLU B 185 -14.94 -19.14 -2.93
N THR B 186 -15.43 -18.06 -2.31
CA THR B 186 -14.59 -16.89 -2.01
C THR B 186 -13.52 -17.22 -0.96
N THR B 187 -13.94 -17.93 0.10
CA THR B 187 -13.01 -18.43 1.11
C THR B 187 -11.93 -19.31 0.48
N ALA B 188 -12.33 -20.19 -0.44
CA ALA B 188 -11.42 -21.10 -1.13
C ALA B 188 -10.41 -20.40 -2.03
N VAL B 189 -10.87 -19.43 -2.84
CA VAL B 189 -9.95 -18.70 -3.73
C VAL B 189 -8.97 -17.84 -2.92
N LEU B 190 -9.43 -17.31 -1.78
CA LEU B 190 -8.55 -16.56 -0.85
C LEU B 190 -7.41 -17.36 -0.18
N LYS B 191 -7.53 -18.69 -0.15
N LYS B 191 -7.54 -18.69 -0.15
CA LYS B 191 -6.42 -19.55 0.28
CA LYS B 191 -6.45 -19.56 0.28
C LYS B 191 -5.29 -19.64 -0.75
C LYS B 191 -5.30 -19.65 -0.74
N GLU B 192 -5.60 -19.40 -2.02
CA GLU B 192 -4.59 -19.43 -3.09
C GLU B 192 -3.70 -18.20 -3.05
N ARG B 193 -2.48 -18.33 -3.55
N ARG B 193 -2.47 -18.33 -3.54
CA ARG B 193 -1.48 -17.27 -3.48
CA ARG B 193 -1.48 -17.26 -3.45
C ARG B 193 -1.59 -16.30 -4.66
C ARG B 193 -1.58 -16.30 -4.64
N PHE B 194 -1.86 -15.04 -4.35
CA PHE B 194 -1.85 -13.96 -5.33
C PHE B 194 -0.79 -12.95 -4.95
N ASP B 195 -0.42 -12.12 -5.92
CA ASP B 195 0.57 -11.07 -5.73
C ASP B 195 -0.05 -9.71 -5.41
N HIS B 196 -1.36 -9.60 -5.62
CA HIS B 196 -2.15 -8.47 -5.18
C HIS B 196 -3.63 -8.88 -5.14
N ILE B 197 -4.39 -8.33 -4.20
CA ILE B 197 -5.84 -8.53 -4.13
C ILE B 197 -6.53 -7.18 -4.09
N LEU B 198 -7.48 -6.96 -5.01
CA LEU B 198 -8.38 -5.81 -4.92
C LEU B 198 -9.76 -6.30 -4.52
N TYR B 199 -10.29 -5.74 -3.43
CA TYR B 199 -11.61 -6.06 -2.93
C TYR B 199 -12.46 -4.80 -2.82
N THR B 200 -13.67 -4.85 -3.36
CA THR B 200 -14.67 -3.81 -3.19
C THR B 200 -15.85 -4.41 -2.43
N GLY B 201 -16.31 -3.72 -1.40
CA GLY B 201 -17.43 -4.20 -0.58
C GLY B 201 -17.43 -3.61 0.81
N SER B 202 -17.72 -4.44 1.81
CA SER B 202 -17.91 -4.00 3.20
C SER B 202 -16.61 -4.09 4.01
N ALA B 203 -16.54 -3.25 5.05
CA ALA B 203 -15.42 -3.29 5.99
C ALA B 203 -15.33 -4.62 6.74
N ARG B 204 -16.49 -5.21 7.06
CA ARG B 204 -16.57 -6.52 7.72
C ARG B 204 -15.83 -7.61 6.93
N VAL B 205 -16.17 -7.74 5.64
CA VAL B 205 -15.54 -8.76 4.78
C VAL B 205 -14.10 -8.36 4.41
N ALA B 206 -13.83 -7.06 4.29
CA ALA B 206 -12.45 -6.58 4.07
C ALA B 206 -11.44 -7.12 5.10
N GLU B 207 -11.86 -7.16 6.37
N GLU B 207 -11.86 -7.16 6.37
CA GLU B 207 -11.05 -7.73 7.44
CA GLU B 207 -11.03 -7.72 7.44
C GLU B 207 -10.69 -9.20 7.16
C GLU B 207 -10.71 -9.20 7.21
N ILE B 208 -11.67 -9.96 6.66
CA ILE B 208 -11.48 -11.37 6.30
C ILE B 208 -10.54 -11.50 5.10
N VAL B 209 -10.71 -10.63 4.11
CA VAL B 209 -9.82 -10.62 2.93
C VAL B 209 -8.39 -10.31 3.35
N MET B 210 -8.20 -9.27 4.18
CA MET B 210 -6.87 -8.89 4.62
C MET B 210 -6.20 -9.96 5.48
N ALA B 211 -7.00 -10.68 6.30
CA ALA B 211 -6.50 -11.82 7.08
C ALA B 211 -5.98 -12.93 6.17
N ALA B 212 -6.71 -13.21 5.09
CA ALA B 212 -6.29 -14.20 4.10
C ALA B 212 -5.02 -13.74 3.38
N ALA B 213 -4.98 -12.47 3.00
CA ALA B 213 -3.81 -11.88 2.34
C ALA B 213 -2.56 -11.95 3.23
N ALA B 214 -2.76 -11.76 4.54
CA ALA B 214 -1.68 -11.86 5.53
C ALA B 214 -0.92 -13.18 5.48
N LYS B 215 -1.64 -14.28 5.20
N LYS B 215 -1.63 -14.28 5.21
CA LYS B 215 -1.02 -15.61 5.14
CA LYS B 215 -1.03 -15.62 5.14
C LYS B 215 -0.01 -15.78 4.00
C LYS B 215 -0.01 -15.78 4.00
N HIS B 216 -0.15 -14.99 2.93
CA HIS B 216 0.82 -14.98 1.80
C HIS B 216 1.62 -13.66 1.67
N LEU B 217 1.50 -12.77 2.66
CA LEU B 217 2.05 -11.40 2.57
C LEU B 217 1.68 -10.71 1.25
N THR B 218 0.39 -10.74 0.93
CA THR B 218 -0.12 -10.19 -0.31
C THR B 218 -0.64 -8.77 -0.08
N PRO B 219 -0.14 -7.77 -0.86
CA PRO B 219 -0.71 -6.43 -0.73
C PRO B 219 -2.17 -6.35 -1.17
N VAL B 220 -2.94 -5.50 -0.51
CA VAL B 220 -4.38 -5.37 -0.78
C VAL B 220 -4.76 -3.93 -1.08
N THR B 221 -5.69 -3.78 -2.01
CA THR B 221 -6.43 -2.54 -2.21
C THR B 221 -7.86 -2.84 -1.79
N LEU B 222 -8.37 -2.06 -0.84
CA LEU B 222 -9.70 -2.27 -0.27
C LEU B 222 -10.52 -1.02 -0.56
N GLU B 223 -11.64 -1.19 -1.26
CA GLU B 223 -12.52 -0.09 -1.64
C GLU B 223 -13.84 -0.31 -0.90
N LEU B 224 -14.03 0.46 0.17
CA LEU B 224 -15.11 0.19 1.12
C LEU B 224 -16.07 1.36 1.12
N GLY B 225 -16.79 1.58 2.22
CA GLY B 225 -17.78 2.65 2.27
C GLY B 225 -17.64 3.50 3.52
N GLY B 226 -18.78 3.87 4.09
CA GLY B 226 -18.86 4.80 5.20
C GLY B 226 -19.97 5.78 4.90
N LYS B 227 -20.13 6.77 5.76
CA LYS B 227 -21.20 7.74 5.65
C LYS B 227 -20.65 9.02 5.05
N SER B 228 -20.74 9.15 3.73
CA SER B 228 -20.27 10.35 3.03
C SER B 228 -21.19 11.53 3.34
N PRO B 229 -20.68 12.55 4.06
CA PRO B 229 -21.52 13.69 4.41
C PRO B 229 -21.62 14.72 3.29
N VAL B 230 -22.74 15.43 3.24
CA VAL B 230 -22.91 16.60 2.39
C VAL B 230 -23.07 17.81 3.30
N VAL B 231 -22.10 18.72 3.24
CA VAL B 231 -22.16 19.98 3.98
C VAL B 231 -22.73 21.04 3.06
N VAL B 232 -23.76 21.74 3.52
CA VAL B 232 -24.37 22.85 2.76
C VAL B 232 -24.36 24.08 3.65
N ASP B 233 -23.65 25.13 3.24
CA ASP B 233 -23.54 26.35 4.05
C ASP B 233 -24.65 27.36 3.70
N ASP B 234 -24.50 28.61 4.15
CA ASP B 234 -25.49 29.68 3.92
C ASP B 234 -25.18 30.63 2.73
N THR B 235 -24.30 30.22 1.83
CA THR B 235 -23.92 31.05 0.67
C THR B 235 -24.50 30.51 -0.66
N CYS B 236 -25.41 29.53 -0.58
CA CYS B 236 -25.98 28.86 -1.76
C CYS B 236 -27.49 29.09 -1.97
N ALA B 237 -28.08 30.08 -1.31
CA ALA B 237 -29.53 30.36 -1.44
C ALA B 237 -29.96 30.47 -2.91
N ASP B 238 -29.19 31.23 -3.70
CA ASP B 238 -29.48 31.43 -5.13
C ASP B 238 -29.23 30.20 -6.00
N ASN B 239 -28.44 29.24 -5.50
CA ASN B 239 -28.11 27.99 -6.21
C ASN B 239 -28.85 26.76 -5.68
N MET B 240 -29.87 26.97 -4.84
CA MET B 240 -30.46 25.88 -4.05
C MET B 240 -31.13 24.81 -4.90
N LYS B 241 -31.67 25.18 -6.07
CA LYS B 241 -32.25 24.20 -6.99
C LYS B 241 -31.19 23.23 -7.54
N VAL B 242 -30.04 23.78 -7.95
CA VAL B 242 -28.93 22.97 -8.47
C VAL B 242 -28.29 22.14 -7.35
N VAL B 243 -28.16 22.74 -6.16
CA VAL B 243 -27.68 22.03 -4.96
C VAL B 243 -28.53 20.77 -4.72
N ALA B 244 -29.84 20.97 -4.69
CA ALA B 244 -30.79 19.88 -4.42
C ALA B 244 -30.85 18.84 -5.53
N GLU B 245 -30.77 19.29 -6.78
CA GLU B 245 -30.75 18.37 -7.92
C GLU B 245 -29.54 17.44 -7.91
N ARG B 246 -28.37 17.99 -7.59
CA ARG B 246 -27.14 17.20 -7.54
C ARG B 246 -27.16 16.19 -6.38
N ILE B 247 -27.58 16.65 -5.20
CA ILE B 247 -27.69 15.76 -4.02
C ILE B 247 -28.71 14.65 -4.28
N MET B 248 -29.89 15.02 -4.77
CA MET B 248 -30.97 14.06 -5.01
C MET B 248 -30.61 13.06 -6.10
N TRP B 249 -29.94 13.51 -7.16
CA TRP B 249 -29.45 12.60 -8.20
C TRP B 249 -28.51 11.53 -7.62
N GLY B 250 -27.53 11.98 -6.83
CA GLY B 250 -26.58 11.08 -6.18
C GLY B 250 -27.23 10.04 -5.27
N LYS B 251 -28.37 10.39 -4.69
CA LYS B 251 -29.15 9.49 -3.85
C LYS B 251 -30.05 8.55 -4.65
N ILE B 252 -30.63 9.06 -5.74
CA ILE B 252 -31.59 8.29 -6.55
C ILE B 252 -30.91 7.16 -7.35
N ILE B 253 -29.70 7.40 -7.86
CA ILE B 253 -28.99 6.37 -8.62
C ILE B 253 -28.79 5.10 -7.77
N ASN B 254 -29.15 3.96 -8.36
CA ASN B 254 -29.11 2.66 -7.70
C ASN B 254 -29.88 2.58 -6.36
N ALA B 255 -30.91 3.41 -6.22
CA ALA B 255 -31.69 3.52 -4.98
C ALA B 255 -30.82 3.73 -3.73
N GLY B 256 -29.83 4.62 -3.85
CA GLY B 256 -28.93 4.96 -2.76
C GLY B 256 -27.79 4.01 -2.47
N GLN B 257 -27.72 2.90 -3.21
CA GLN B 257 -26.79 1.81 -2.92
C GLN B 257 -25.49 2.02 -3.68
N THR B 258 -24.77 3.07 -3.25
CA THR B 258 -23.49 3.48 -3.82
C THR B 258 -22.57 3.86 -2.66
N CYS B 259 -21.32 3.42 -2.73
N CYS B 259 -21.32 3.41 -2.70
CA CYS B 259 -20.32 3.66 -1.70
CA CYS B 259 -20.38 3.69 -1.60
C CYS B 259 -19.97 5.16 -1.51
C CYS B 259 -19.93 5.16 -1.51
N ILE B 260 -20.27 5.97 -2.52
CA ILE B 260 -20.04 7.42 -2.50
C ILE B 260 -21.36 8.20 -2.61
N ALA B 261 -22.49 7.54 -2.32
CA ALA B 261 -23.78 8.23 -2.28
C ALA B 261 -23.78 9.24 -1.15
N PRO B 262 -24.53 10.35 -1.30
CA PRO B 262 -24.72 11.24 -0.16
C PRO B 262 -25.47 10.47 0.94
N ASP B 263 -24.81 10.27 2.06
CA ASP B 263 -25.36 9.45 3.14
C ASP B 263 -26.27 10.30 4.00
N TYR B 264 -25.76 11.45 4.44
CA TYR B 264 -26.54 12.43 5.20
C TYR B 264 -26.09 13.85 4.88
N VAL B 265 -26.91 14.82 5.28
CA VAL B 265 -26.66 16.24 5.03
C VAL B 265 -26.47 16.97 6.36
N VAL B 266 -25.49 17.88 6.40
CA VAL B 266 -25.32 18.84 7.49
C VAL B 266 -25.51 20.22 6.88
N VAL B 267 -26.65 20.84 7.15
CA VAL B 267 -27.03 22.12 6.51
C VAL B 267 -27.01 23.26 7.52
N GLU B 268 -26.60 24.45 7.08
CA GLU B 268 -26.59 25.61 7.97
C GLU B 268 -28.03 25.88 8.43
N LYS B 269 -28.18 26.14 9.73
CA LYS B 269 -29.49 26.21 10.41
C LYS B 269 -30.57 26.98 9.65
N SER B 270 -30.21 28.16 9.13
CA SER B 270 -31.15 29.03 8.42
C SER B 270 -31.58 28.52 7.03
N MET B 271 -30.82 27.57 6.47
CA MET B 271 -31.10 27.04 5.12
C MET B 271 -31.87 25.71 5.12
N GLU B 272 -32.23 25.17 6.29
CA GLU B 272 -32.84 23.85 6.38
C GLU B 272 -34.14 23.74 5.56
N SER B 273 -35.03 24.72 5.71
CA SER B 273 -36.34 24.66 5.07
C SER B 273 -36.24 24.75 3.55
N VAL B 274 -35.47 25.73 3.05
CA VAL B 274 -35.28 25.88 1.60
C VAL B 274 -34.61 24.66 0.95
N LEU B 275 -33.65 24.05 1.63
CA LEU B 275 -33.00 22.83 1.13
C LEU B 275 -33.97 21.67 1.04
N VAL B 276 -34.70 21.43 2.12
CA VAL B 276 -35.65 20.31 2.19
C VAL B 276 -36.74 20.46 1.12
N ASP B 277 -37.28 21.67 0.97
CA ASP B 277 -38.25 21.96 -0.09
C ASP B 277 -37.67 21.72 -1.48
N ALA B 278 -36.44 22.19 -1.70
CA ALA B 278 -35.75 22.01 -2.98
C ALA B 278 -35.48 20.53 -3.29
N LEU B 279 -35.06 19.77 -2.28
CA LEU B 279 -34.88 18.31 -2.42
C LEU B 279 -36.19 17.61 -2.79
N ALA B 280 -37.30 18.03 -2.16
CA ALA B 280 -38.62 17.50 -2.49
C ALA B 280 -39.00 17.75 -3.94
N GLU B 281 -38.75 18.97 -4.42
CA GLU B 281 -39.03 19.31 -5.83
C GLU B 281 -38.16 18.52 -6.79
N ALA B 282 -36.87 18.40 -6.48
CA ALA B 282 -35.94 17.59 -7.28
C ALA B 282 -36.38 16.13 -7.38
N ARG B 283 -36.83 15.57 -6.25
CA ARG B 283 -37.31 14.18 -6.21
C ARG B 283 -38.52 13.95 -7.12
N LYS B 284 -39.50 14.84 -7.05
CA LYS B 284 -40.70 14.79 -7.91
C LYS B 284 -40.32 14.84 -9.38
N ALA B 285 -39.44 15.78 -9.72
CA ALA B 285 -38.95 15.95 -11.09
C ALA B 285 -38.27 14.70 -11.64
N MET B 286 -37.38 14.09 -10.85
CA MET B 286 -36.60 12.94 -11.30
C MET B 286 -37.36 11.62 -11.36
N LEU B 287 -38.27 11.39 -10.41
CA LEU B 287 -39.03 10.14 -10.37
C LEU B 287 -40.33 10.19 -11.17
N GLY B 288 -40.90 11.40 -11.30
CA GLY B 288 -42.12 11.60 -12.04
C GLY B 288 -43.35 11.42 -11.17
N ASP B 289 -44.42 12.11 -11.54
CA ASP B 289 -45.66 12.15 -10.77
C ASP B 289 -46.35 10.79 -10.71
N LYS B 290 -46.45 10.12 -11.87
CA LYS B 290 -47.14 8.84 -11.96
C LYS B 290 -46.53 7.75 -11.08
N PHE B 291 -45.20 7.64 -11.10
CA PHE B 291 -44.50 6.66 -10.26
C PHE B 291 -44.82 6.87 -8.78
N LEU B 292 -44.66 8.11 -8.31
CA LEU B 292 -44.94 8.45 -6.91
C LEU B 292 -46.39 8.24 -6.52
N LYS B 293 -47.32 8.69 -7.38
CA LYS B 293 -48.76 8.49 -7.13
C LYS B 293 -49.14 7.01 -6.98
N VAL B 294 -48.60 6.16 -7.85
CA VAL B 294 -48.87 4.71 -7.79
C VAL B 294 -48.26 4.10 -6.52
N LEU B 295 -47.02 4.48 -6.21
CA LEU B 295 -46.34 4.02 -4.99
C LEU B 295 -47.07 4.49 -3.71
N LYS B 296 -47.55 5.73 -3.72
N LYS B 296 -47.56 5.74 -3.72
CA LYS B 296 -48.35 6.29 -2.62
CA LYS B 296 -48.35 6.28 -2.63
C LYS B 296 -49.71 5.61 -2.46
C LYS B 296 -49.71 5.58 -2.45
N GLY B 297 -50.27 5.09 -3.55
CA GLY B 297 -51.60 4.49 -3.57
C GLY B 297 -52.68 5.51 -3.97
N GLU B 298 -52.27 6.64 -4.56
CA GLU B 298 -53.19 7.69 -4.99
C GLU B 298 -53.65 7.55 -6.45
N LEU B 299 -52.97 6.69 -7.21
CA LEU B 299 -53.41 6.32 -8.56
C LEU B 299 -53.41 4.81 -8.68
N LEU B 300 -54.57 4.24 -8.96
N LEU B 300 -54.57 4.24 -8.98
CA LEU B 300 -54.71 2.79 -9.12
CA LEU B 300 -54.71 2.79 -9.14
C LEU B 300 -54.18 2.34 -10.48
C LEU B 300 -54.19 2.34 -10.50
N VAL B 301 -53.60 1.15 -10.51
CA VAL B 301 -53.27 0.44 -11.75
C VAL B 301 -53.73 -1.00 -11.54
N LYS B 302 -53.91 -1.73 -12.63
N LYS B 302 -53.92 -1.73 -12.63
CA LYS B 302 -54.41 -3.11 -12.57
CA LYS B 302 -54.41 -3.12 -12.57
C LYS B 302 -53.42 -4.06 -11.87
C LYS B 302 -53.43 -4.05 -11.86
N GLN B 303 -52.13 -3.87 -12.13
CA GLN B 303 -51.06 -4.68 -11.54
C GLN B 303 -50.01 -3.74 -10.95
N LYS B 304 -50.18 -3.42 -9.66
CA LYS B 304 -49.27 -2.49 -8.97
C LYS B 304 -47.85 -3.01 -8.85
N GLN B 305 -47.71 -4.27 -8.46
CA GLN B 305 -46.40 -4.91 -8.31
C GLN B 305 -45.69 -5.04 -9.67
N GLN B 306 -46.45 -5.38 -10.71
CA GLN B 306 -45.92 -5.41 -12.08
C GLN B 306 -45.52 -4.01 -12.57
N PHE B 307 -46.31 -2.99 -12.23
CA PHE B 307 -45.98 -1.60 -12.57
C PHE B 307 -44.65 -1.16 -11.95
N LEU B 308 -44.45 -1.47 -10.68
CA LEU B 308 -43.22 -1.11 -9.97
C LEU B 308 -42.01 -1.88 -10.47
N GLU B 309 -42.19 -3.15 -10.85
CA GLU B 309 -41.10 -3.95 -11.43
C GLU B 309 -40.74 -3.49 -12.85
N GLU B 310 -41.69 -2.86 -13.55
CA GLU B 310 -41.43 -2.22 -14.86
C GLU B 310 -40.94 -0.77 -14.78
N SER B 311 -40.77 -0.23 -13.57
CA SER B 311 -40.41 1.18 -13.38
C SER B 311 -38.93 1.47 -13.68
N ASP B 312 -38.60 2.76 -13.68
CA ASP B 312 -37.22 3.22 -13.91
C ASP B 312 -36.41 3.37 -12.61
N TYR B 313 -36.97 2.94 -11.48
CA TYR B 313 -36.38 3.15 -10.17
C TYR B 313 -35.80 1.83 -9.62
N PRO B 314 -34.51 1.82 -9.22
CA PRO B 314 -33.88 0.56 -8.81
C PRO B 314 -34.41 -0.05 -7.52
N ARG B 315 -34.12 -1.33 -7.36
CA ARG B 315 -34.62 -2.16 -6.28
C ARG B 315 -33.58 -2.22 -5.16
N ILE B 316 -34.05 -2.40 -3.92
CA ILE B 316 -33.17 -2.72 -2.80
C ILE B 316 -32.70 -4.17 -3.01
N VAL B 317 -31.45 -4.44 -2.62
CA VAL B 317 -30.80 -5.73 -2.93
C VAL B 317 -31.58 -6.97 -2.45
N ASN B 318 -32.14 -6.90 -1.25
CA ASN B 318 -32.90 -8.03 -0.70
C ASN B 318 -33.84 -7.57 0.43
N ALA B 319 -34.68 -8.50 0.90
CA ALA B 319 -35.66 -8.23 1.97
C ALA B 319 -35.02 -7.74 3.27
N SER B 320 -33.89 -8.33 3.64
CA SER B 320 -33.16 -7.97 4.86
C SER B 320 -32.72 -6.49 4.85
N HIS B 321 -32.12 -6.07 3.74
CA HIS B 321 -31.72 -4.67 3.55
C HIS B 321 -32.94 -3.73 3.50
N PHE B 322 -34.03 -4.18 2.88
CA PHE B 322 -35.29 -3.42 2.84
C PHE B 322 -35.81 -3.13 4.24
N GLN B 323 -35.91 -4.16 5.09
N GLN B 323 -35.91 -4.16 5.08
CA GLN B 323 -36.42 -4.01 6.45
CA GLN B 323 -36.40 -4.05 6.46
C GLN B 323 -35.53 -3.09 7.29
C GLN B 323 -35.53 -3.11 7.31
N ARG B 324 -34.21 -3.23 7.14
CA ARG B 324 -33.23 -2.35 7.82
C ARG B 324 -33.44 -0.87 7.47
N LEU B 325 -33.65 -0.58 6.19
CA LEU B 325 -33.90 0.78 5.71
C LEU B 325 -35.24 1.34 6.19
N MET B 326 -36.27 0.49 6.19
CA MET B 326 -37.58 0.90 6.73
C MET B 326 -37.50 1.23 8.23
N GLU B 327 -36.74 0.45 8.99
CA GLU B 327 -36.53 0.75 10.41
C GLU B 327 -35.75 2.06 10.66
N PHE B 328 -34.85 2.42 9.74
CA PHE B 328 -34.13 3.70 9.81
C PHE B 328 -35.04 4.93 9.78
N MET B 329 -36.21 4.82 9.16
CA MET B 329 -37.19 5.93 9.15
C MET B 329 -37.70 6.31 10.55
N LYS B 330 -37.58 5.40 11.52
CA LYS B 330 -37.97 5.65 12.92
C LYS B 330 -37.03 6.61 13.64
N GLY B 331 -35.81 6.76 13.16
CA GLY B 331 -34.81 7.65 13.77
C GLY B 331 -34.99 9.15 13.55
N GLY B 332 -36.02 9.55 12.81
CA GLY B 332 -36.38 10.96 12.66
C GLY B 332 -37.77 11.16 12.10
N LYS B 333 -38.11 12.43 11.84
CA LYS B 333 -39.37 12.80 11.22
C LYS B 333 -39.26 12.62 9.71
N VAL B 334 -40.19 11.86 9.12
CA VAL B 334 -40.26 11.75 7.65
C VAL B 334 -40.79 13.09 7.12
N ALA B 335 -39.86 13.94 6.69
CA ALA B 335 -40.19 15.26 6.13
C ALA B 335 -40.65 15.15 4.68
N VAL B 336 -39.97 14.29 3.91
CA VAL B 336 -40.31 14.04 2.50
C VAL B 336 -40.26 12.54 2.24
N GLY B 337 -41.29 12.03 1.57
CA GLY B 337 -41.28 10.66 1.05
C GLY B 337 -41.75 9.59 2.04
N GLY B 338 -40.95 8.54 2.19
CA GLY B 338 -41.30 7.40 3.05
C GLY B 338 -42.14 6.33 2.39
N GLU B 339 -42.37 6.45 1.09
CA GLU B 339 -43.24 5.52 0.37
C GLU B 339 -42.44 4.26 0.05
N ALA B 340 -43.07 3.10 0.21
CA ALA B 340 -42.38 1.84 -0.01
C ALA B 340 -43.33 0.71 -0.42
N ASP B 341 -42.77 -0.29 -1.09
CA ASP B 341 -43.46 -1.53 -1.40
C ASP B 341 -42.51 -2.71 -1.17
N GLU B 342 -42.85 -3.55 -0.21
CA GLU B 342 -41.99 -4.66 0.22
C GLU B 342 -41.83 -5.75 -0.85
N ALA B 343 -42.93 -6.12 -1.50
CA ALA B 343 -42.91 -7.21 -2.50
C ALA B 343 -41.94 -6.94 -3.65
N THR B 344 -41.87 -5.69 -4.10
CA THR B 344 -40.96 -5.27 -5.17
C THR B 344 -39.67 -4.60 -4.65
N LEU B 345 -39.45 -4.61 -3.34
CA LEU B 345 -38.28 -4.03 -2.69
C LEU B 345 -38.01 -2.58 -3.14
N THR B 346 -39.07 -1.78 -3.12
CA THR B 346 -39.05 -0.39 -3.58
C THR B 346 -39.15 0.51 -2.35
N ILE B 347 -38.17 1.40 -2.19
CA ILE B 347 -38.22 2.47 -1.19
C ILE B 347 -37.88 3.78 -1.89
N ALA B 348 -38.83 4.71 -1.91
CA ALA B 348 -38.59 6.01 -2.55
C ALA B 348 -37.62 6.84 -1.69
N PRO B 349 -36.88 7.78 -2.32
CA PRO B 349 -35.99 8.64 -1.54
C PRO B 349 -36.74 9.36 -0.43
N THR B 350 -36.19 9.30 0.78
CA THR B 350 -36.86 9.74 1.99
C THR B 350 -35.93 10.66 2.77
N ILE B 351 -36.41 11.87 3.04
CA ILE B 351 -35.65 12.87 3.79
C ILE B 351 -36.13 12.85 5.25
N LEU B 352 -35.20 12.61 6.17
CA LEU B 352 -35.48 12.63 7.60
C LEU B 352 -34.95 13.90 8.22
N THR B 353 -35.76 14.53 9.08
CA THR B 353 -35.34 15.68 9.89
C THR B 353 -35.52 15.34 11.36
N ASN B 354 -35.07 16.24 12.24
CA ASN B 354 -35.17 16.06 13.70
C ASN B 354 -34.59 14.71 14.12
N ILE B 355 -33.36 14.46 13.67
CA ILE B 355 -32.70 13.18 13.88
C ILE B 355 -32.18 13.05 15.30
N ASP B 356 -32.25 11.83 15.84
CA ASP B 356 -31.48 11.43 17.01
C ASP B 356 -30.11 10.95 16.49
N PRO B 357 -29.01 11.71 16.75
CA PRO B 357 -27.69 11.31 16.22
C PRO B 357 -27.18 9.93 16.68
N THR B 358 -27.65 9.46 17.85
CA THR B 358 -27.30 8.14 18.38
C THR B 358 -28.07 6.98 17.76
N HIS B 359 -29.16 7.27 17.03
CA HIS B 359 -29.94 6.24 16.34
C HIS B 359 -29.08 5.57 15.26
N PRO B 360 -29.26 4.25 15.04
CA PRO B 360 -28.55 3.51 13.97
C PRO B 360 -28.46 4.18 12.58
N VAL B 361 -29.47 4.96 12.19
CA VAL B 361 -29.47 5.69 10.90
C VAL B 361 -28.33 6.71 10.78
N MET B 362 -27.88 7.25 11.92
CA MET B 362 -26.72 8.14 11.95
C MET B 362 -25.48 7.54 12.62
N GLN B 363 -25.46 6.21 12.75
CA GLN B 363 -24.29 5.45 13.18
C GLN B 363 -23.73 4.53 12.09
N GLU B 364 -24.61 3.99 11.24
CA GLU B 364 -24.21 3.03 10.21
C GLU B 364 -24.31 3.66 8.81
N GLU B 365 -23.52 3.14 7.88
CA GLU B 365 -23.66 3.48 6.46
C GLU B 365 -25.07 3.09 6.01
N ILE B 366 -25.82 4.05 5.49
CA ILE B 366 -27.22 3.82 5.13
C ILE B 366 -27.32 2.89 3.92
N PHE B 367 -26.61 3.25 2.84
CA PHE B 367 -26.56 2.46 1.61
C PHE B 367 -27.98 2.21 1.09
N GLY B 368 -28.75 3.28 1.01
CA GLY B 368 -30.14 3.21 0.62
C GLY B 368 -30.79 4.56 0.49
N PRO B 369 -32.10 4.60 0.20
CA PRO B 369 -32.78 5.87 -0.09
C PRO B 369 -33.09 6.83 1.09
N ILE B 370 -32.55 6.57 2.29
CA ILE B 370 -32.82 7.43 3.45
C ILE B 370 -31.74 8.52 3.54
N LEU B 371 -32.17 9.77 3.63
CA LEU B 371 -31.27 10.92 3.73
C LEU B 371 -31.59 11.74 4.99
N PRO B 372 -30.85 11.47 6.10
CA PRO B 372 -30.93 12.33 7.28
C PRO B 372 -30.43 13.74 7.00
N VAL B 373 -31.12 14.73 7.57
CA VAL B 373 -30.73 16.14 7.47
C VAL B 373 -30.49 16.66 8.88
N LEU B 374 -29.23 17.01 9.16
CA LEU B 374 -28.82 17.60 10.43
C LEU B 374 -28.49 19.06 10.20
N THR B 375 -28.53 19.87 11.25
CA THR B 375 -28.19 21.29 11.15
C THR B 375 -26.92 21.62 11.91
N TYR B 376 -26.28 22.72 11.51
CA TYR B 376 -25.13 23.28 12.20
C TYR B 376 -25.29 24.80 12.33
N GLU B 377 -24.63 25.37 13.33
CA GLU B 377 -24.51 26.83 13.49
C GLU B 377 -23.10 27.34 13.21
N ASN B 378 -22.08 26.62 13.67
CA ASN B 378 -20.67 26.97 13.46
C ASN B 378 -19.86 25.77 12.97
N GLU B 379 -18.61 26.02 12.56
CA GLU B 379 -17.71 24.97 12.07
C GLU B 379 -17.54 23.83 13.07
N LYS B 380 -17.41 24.17 14.35
CA LYS B 380 -17.23 23.18 15.43
C LYS B 380 -18.35 22.12 15.44
N ASP B 381 -19.59 22.54 15.16
CA ASP B 381 -20.73 21.63 15.05
C ASP B 381 -20.55 20.63 13.91
N ILE B 382 -20.06 21.11 12.77
CA ILE B 382 -19.84 20.26 11.59
C ILE B 382 -18.75 19.23 11.89
N LEU B 383 -17.65 19.71 12.45
CA LEU B 383 -16.51 18.85 12.76
C LEU B 383 -16.83 17.77 13.81
N LYS B 384 -17.66 18.11 14.80
N LYS B 384 -17.66 18.13 14.80
CA LYS B 384 -18.11 17.16 15.81
CA LYS B 384 -18.14 17.19 15.82
C LYS B 384 -18.91 16.00 15.20
C LYS B 384 -18.93 16.02 15.22
N ILE B 385 -19.76 16.32 14.22
CA ILE B 385 -20.55 15.31 13.52
C ILE B 385 -19.65 14.42 12.65
N ILE B 386 -18.82 15.04 11.82
CA ILE B 386 -18.00 14.32 10.83
C ILE B 386 -16.81 13.59 11.47
N ASN B 387 -16.05 14.27 12.33
CA ASN B 387 -14.82 13.71 12.90
C ASN B 387 -15.05 12.67 14.02
N SER B 388 -16.28 12.59 14.55
CA SER B 388 -16.63 11.51 15.49
C SER B 388 -17.01 10.20 14.78
N ARG B 389 -17.11 10.22 13.45
CA ARG B 389 -17.47 9.04 12.66
C ARG B 389 -16.27 8.57 11.82
N GLU B 390 -16.39 7.39 11.24
CA GLU B 390 -15.30 6.80 10.46
C GLU B 390 -15.03 7.63 9.20
N LYS B 391 -13.79 7.58 8.72
CA LYS B 391 -13.39 8.36 7.55
C LYS B 391 -14.15 7.83 6.33
N PRO B 392 -15.00 8.66 5.71
CA PRO B 392 -15.82 8.18 4.61
C PRO B 392 -15.07 8.22 3.29
N LEU B 393 -15.60 7.50 2.31
CA LEU B 393 -15.00 7.46 0.98
C LEU B 393 -15.07 8.80 0.26
N ALA B 394 -16.15 9.55 0.49
CA ALA B 394 -16.33 10.88 -0.10
C ALA B 394 -16.82 11.87 0.94
N LEU B 395 -16.51 13.15 0.71
CA LEU B 395 -17.04 14.24 1.50
C LEU B 395 -17.44 15.34 0.52
N TYR B 396 -18.64 15.89 0.69
CA TYR B 396 -19.19 16.85 -0.25
C TYR B 396 -19.48 18.16 0.47
N VAL B 397 -19.10 19.28 -0.15
CA VAL B 397 -19.30 20.62 0.42
C VAL B 397 -19.94 21.50 -0.64
N PHE B 398 -21.13 22.03 -0.34
CA PHE B 398 -21.79 23.01 -1.19
C PHE B 398 -21.60 24.38 -0.57
N SER B 399 -20.87 25.25 -1.27
CA SER B 399 -20.53 26.58 -0.78
C SER B 399 -19.95 27.47 -1.90
N ASN B 400 -20.18 28.77 -1.80
CA ASN B 400 -19.53 29.78 -2.64
C ASN B 400 -18.44 30.55 -1.87
N ASN B 401 -18.14 30.11 -0.64
CA ASN B 401 -17.17 30.80 0.23
C ASN B 401 -15.87 30.00 0.34
N LYS B 402 -14.79 30.57 -0.20
CA LYS B 402 -13.47 29.94 -0.23
C LYS B 402 -12.93 29.58 1.16
N ARG B 403 -13.05 30.50 2.11
CA ARG B 403 -12.57 30.28 3.48
C ARG B 403 -13.33 29.13 4.17
N PHE B 404 -14.64 29.07 3.98
CA PHE B 404 -15.45 27.97 4.54
C PHE B 404 -15.01 26.61 3.98
N ILE B 405 -14.86 26.55 2.66
CA ILE B 405 -14.48 25.31 1.97
C ILE B 405 -13.09 24.85 2.45
N ARG B 406 -12.14 25.78 2.49
CA ARG B 406 -10.78 25.52 2.97
C ARG B 406 -10.76 25.00 4.41
N GLY B 407 -11.60 25.58 5.27
CA GLY B 407 -11.73 25.15 6.66
C GLY B 407 -12.22 23.73 6.82
N VAL B 408 -13.25 23.37 6.06
CA VAL B 408 -13.83 22.03 6.10
C VAL B 408 -12.84 20.99 5.55
N GLU B 409 -12.21 21.30 4.41
CA GLU B 409 -11.19 20.43 3.81
C GLU B 409 -10.03 20.13 4.76
N SER B 410 -9.48 21.20 5.35
CA SER B 410 -8.29 21.10 6.18
C SER B 410 -8.54 20.41 7.54
N ARG B 411 -9.80 20.37 8.00
CA ARG B 411 -10.14 19.82 9.31
C ARG B 411 -10.88 18.47 9.26
N THR B 412 -11.04 17.90 8.07
CA THR B 412 -11.67 16.57 7.89
C THR B 412 -10.77 15.64 7.08
N SER B 413 -11.02 14.35 7.19
CA SER B 413 -10.37 13.34 6.38
C SER B 413 -11.40 12.46 5.67
N SER B 414 -11.18 12.22 4.38
CA SER B 414 -12.07 11.41 3.57
C SER B 414 -11.30 10.89 2.37
N GLY B 415 -11.87 9.89 1.67
CA GLY B 415 -11.25 9.36 0.46
C GLY B 415 -11.14 10.39 -0.65
N ALA B 416 -12.09 11.32 -0.70
CA ALA B 416 -12.05 12.45 -1.63
C ALA B 416 -12.95 13.58 -1.14
N VAL B 417 -12.76 14.76 -1.73
CA VAL B 417 -13.63 15.91 -1.53
C VAL B 417 -14.11 16.41 -2.89
N VAL B 418 -15.42 16.62 -3.03
CA VAL B 418 -15.98 17.32 -4.17
C VAL B 418 -16.69 18.56 -3.65
N VAL B 419 -16.40 19.72 -4.26
CA VAL B 419 -17.08 20.97 -3.92
C VAL B 419 -18.17 21.24 -4.95
N ASN B 420 -19.40 21.44 -4.46
CA ASN B 420 -20.59 21.77 -5.26
C ASN B 420 -21.10 20.65 -6.17
N ASP B 421 -20.78 19.40 -5.85
CA ASP B 421 -21.38 18.25 -6.55
C ASP B 421 -21.17 16.99 -5.72
N VAL B 422 -21.76 15.88 -6.18
CA VAL B 422 -21.61 14.57 -5.55
C VAL B 422 -21.33 13.51 -6.62
N VAL B 423 -20.60 12.45 -6.24
CA VAL B 423 -20.43 11.21 -7.04
C VAL B 423 -19.55 11.35 -8.30
N VAL B 424 -19.66 12.47 -9.02
CA VAL B 424 -19.04 12.63 -10.35
C VAL B 424 -17.51 12.50 -10.40
N HIS B 425 -16.84 12.74 -9.28
CA HIS B 425 -15.38 12.55 -9.16
C HIS B 425 -14.90 11.14 -9.47
N ALA B 426 -15.76 10.13 -9.25
CA ALA B 426 -15.43 8.73 -9.55
C ALA B 426 -15.12 8.48 -11.03
N GLY B 427 -15.78 9.22 -11.92
CA GLY B 427 -15.52 9.14 -13.36
C GLY B 427 -14.47 10.10 -13.89
N ALA B 428 -13.83 10.86 -13.00
CA ALA B 428 -12.87 11.90 -13.40
C ALA B 428 -11.54 11.27 -13.77
N ASP B 429 -11.14 11.44 -15.03
CA ASP B 429 -9.90 10.89 -15.54
C ASP B 429 -8.73 11.78 -15.09
N GLY B 430 -7.93 11.25 -14.17
CA GLY B 430 -6.81 11.99 -13.59
C GLY B 430 -6.75 11.98 -12.07
N LEU B 431 -7.85 11.58 -11.41
CA LEU B 431 -7.88 11.44 -9.95
C LEU B 431 -7.72 9.97 -9.56
N PRO B 432 -6.92 9.70 -8.49
CA PRO B 432 -6.91 8.36 -7.91
C PRO B 432 -8.19 8.15 -7.11
N PHE B 433 -8.78 6.95 -7.22
CA PHE B 433 -10.03 6.65 -6.51
C PHE B 433 -9.77 5.63 -5.41
N GLY B 434 -10.01 6.02 -4.16
CA GLY B 434 -9.77 5.16 -3.02
C GLY B 434 -10.18 5.80 -1.71
N GLY B 435 -10.18 4.97 -0.67
CA GLY B 435 -10.55 5.40 0.68
C GLY B 435 -9.37 5.59 1.60
N VAL B 436 -9.71 5.83 2.86
CA VAL B 436 -8.75 5.97 3.94
C VAL B 436 -9.42 5.48 5.23
N GLY B 437 -8.65 4.87 6.12
CA GLY B 437 -9.22 4.26 7.34
C GLY B 437 -10.23 3.20 6.96
N ARG B 438 -11.42 3.25 7.55
CA ARG B 438 -12.44 2.22 7.29
C ARG B 438 -13.17 2.35 5.93
N SER B 439 -12.93 3.44 5.17
CA SER B 439 -13.37 3.50 3.77
C SER B 439 -12.41 2.80 2.80
N GLY B 440 -11.23 2.42 3.30
CA GLY B 440 -10.34 1.51 2.60
C GLY B 440 -8.89 1.95 2.60
N MET B 441 -8.08 1.20 1.84
CA MET B 441 -6.67 1.53 1.62
C MET B 441 -6.32 1.30 0.17
N GLY B 442 -5.39 2.10 -0.34
CA GLY B 442 -4.99 2.03 -1.74
C GLY B 442 -5.93 2.81 -2.65
N ALA B 443 -5.56 2.91 -3.90
CA ALA B 443 -6.36 3.64 -4.89
C ALA B 443 -6.05 3.13 -6.29
N TYR B 444 -6.99 3.32 -7.20
CA TYR B 444 -6.82 2.91 -8.60
C TYR B 444 -7.56 3.87 -9.55
N HIS B 445 -7.67 3.48 -10.82
CA HIS B 445 -8.18 4.27 -11.97
C HIS B 445 -6.99 4.81 -12.74
N GLY B 446 -6.91 4.47 -14.04
CA GLY B 446 -5.93 5.04 -14.96
C GLY B 446 -4.49 4.77 -14.56
N ARG B 447 -3.68 5.82 -14.51
CA ARG B 447 -2.29 5.75 -14.03
C ARG B 447 -2.15 5.09 -12.64
N TYR B 448 -3.14 5.33 -11.78
CA TYR B 448 -3.09 4.84 -10.40
C TYR B 448 -3.39 3.35 -10.31
N SER B 449 -4.18 2.83 -11.25
CA SER B 449 -4.31 1.38 -11.44
C SER B 449 -2.98 0.79 -11.87
N PHE B 450 -2.35 1.40 -12.87
CA PHE B 450 -1.06 0.91 -13.34
C PHE B 450 -0.05 0.84 -12.20
N GLU B 451 0.03 1.92 -11.41
CA GLU B 451 0.94 1.98 -10.26
C GLU B 451 0.58 0.94 -9.19
N THR B 452 -0.70 0.84 -8.85
CA THR B 452 -1.17 -0.12 -7.84
C THR B 452 -0.86 -1.57 -8.20
N PHE B 453 -0.99 -1.92 -9.48
CA PHE B 453 -0.74 -3.30 -9.95
C PHE B 453 0.67 -3.53 -10.50
N SER B 454 1.60 -2.64 -10.19
CA SER B 454 3.00 -2.77 -10.53
C SER B 454 3.86 -2.67 -9.28
N HIS B 455 5.10 -3.14 -9.39
CA HIS B 455 6.11 -2.88 -8.40
C HIS B 455 7.04 -1.81 -8.95
N ARG B 456 7.15 -0.69 -8.24
CA ARG B 456 8.12 0.36 -8.58
C ARG B 456 9.47 -0.07 -8.02
N ARG B 457 10.41 -0.38 -8.92
CA ARG B 457 11.66 -1.04 -8.58
C ARG B 457 12.85 -0.10 -8.84
N PRO B 458 13.49 0.39 -7.76
CA PRO B 458 14.65 1.27 -7.96
C PRO B 458 15.87 0.52 -8.49
N VAL B 459 16.59 1.14 -9.42
CA VAL B 459 17.79 0.57 -10.01
C VAL B 459 18.91 1.61 -9.91
N MET B 460 20.04 1.20 -9.35
CA MET B 460 21.23 2.04 -9.24
C MET B 460 22.38 1.37 -10.00
N ARG B 461 22.94 2.06 -10.99
CA ARG B 461 24.04 1.51 -11.78
C ARG B 461 25.32 2.29 -11.50
N ARG B 462 26.36 1.58 -11.05
CA ARG B 462 27.65 2.19 -10.72
C ARG B 462 28.74 1.69 -11.64
N GLY B 463 29.85 2.43 -11.65
CA GLY B 463 31.07 2.05 -12.35
C GLY B 463 32.10 1.54 -11.36
N PHE B 464 33.27 1.17 -11.87
CA PHE B 464 34.34 0.62 -11.03
C PHE B 464 35.36 1.66 -10.53
N LEU B 465 35.10 2.95 -10.79
CA LEU B 465 35.98 4.03 -10.34
C LEU B 465 35.77 4.34 -8.85
N PHE B 466 36.73 5.06 -8.27
CA PHE B 466 36.66 5.50 -6.87
C PHE B 466 35.57 6.55 -6.70
N SER B 467 34.94 6.57 -5.53
CA SER B 467 33.98 7.62 -5.16
C SER B 467 33.98 7.86 -3.65
N SER B 468 33.25 8.89 -3.22
CA SER B 468 33.31 9.38 -1.82
C SER B 468 33.02 8.33 -0.74
N ILE B 469 32.12 7.38 -1.04
CA ILE B 469 31.84 6.26 -0.11
C ILE B 469 33.07 5.39 0.19
N ASP B 470 33.95 5.24 -0.80
CA ASP B 470 35.15 4.39 -0.67
C ASP B 470 36.22 4.97 0.28
N THR B 471 36.13 6.25 0.61
CA THR B 471 37.06 6.88 1.57
C THR B 471 36.85 6.39 3.02
N VAL B 472 35.64 5.91 3.34
CA VAL B 472 35.29 5.51 4.72
C VAL B 472 34.71 4.09 4.91
N ARG B 473 34.08 3.51 3.90
CA ARG B 473 33.29 2.27 4.13
C ARG B 473 34.14 1.02 4.46
N PHE B 474 35.32 0.89 3.85
CA PHE B 474 36.09 -0.36 3.93
C PHE B 474 36.92 -0.46 5.21
N PRO B 475 36.81 -1.60 5.93
CA PRO B 475 37.81 -1.93 6.96
C PRO B 475 39.19 -2.18 6.31
N PRO B 476 40.29 -2.22 7.08
CA PRO B 476 40.30 -2.16 8.54
C PRO B 476 40.05 -0.76 9.10
N TYR B 477 39.53 -0.72 10.33
CA TYR B 477 39.15 0.53 10.98
C TYR B 477 40.38 1.16 11.63
N THR B 478 41.04 2.02 10.85
CA THR B 478 42.29 2.67 11.25
C THR B 478 42.04 3.96 12.00
N THR B 479 43.09 4.47 12.65
CA THR B 479 43.06 5.78 13.31
C THR B 479 42.80 6.90 12.29
N ALA B 480 43.35 6.75 11.08
CA ALA B 480 43.12 7.69 9.97
C ALA B 480 41.64 7.78 9.56
N LYS B 481 40.97 6.64 9.46
CA LYS B 481 39.55 6.59 9.14
C LYS B 481 38.70 7.24 10.23
N SER B 482 39.03 6.95 11.49
CA SER B 482 38.35 7.56 12.64
C SER B 482 38.43 9.09 12.62
N ARG B 483 39.61 9.62 12.28
N ARG B 483 39.61 9.62 12.29
CA ARG B 483 39.80 11.07 12.15
CA ARG B 483 39.81 11.07 12.14
C ARG B 483 38.96 11.67 11.02
C ARG B 483 38.96 11.67 11.02
N VAL B 484 38.85 10.95 9.89
CA VAL B 484 38.04 11.37 8.74
C VAL B 484 36.54 11.41 9.11
N LEU B 485 36.06 10.35 9.75
CA LEU B 485 34.65 10.28 10.18
C LEU B 485 34.32 11.25 11.32
N ASN B 486 35.25 11.42 12.27
CA ASN B 486 35.08 12.40 13.36
C ASN B 486 35.01 13.85 12.86
N SER B 487 35.67 14.14 11.74
CA SER B 487 35.58 15.48 11.11
C SER B 487 34.18 15.79 10.57
N LEU B 488 33.47 14.77 10.11
CA LEU B 488 32.07 14.92 9.67
C LEU B 488 31.08 15.13 10.82
N LEU B 489 31.40 14.56 12.00
CA LEU B 489 30.49 14.57 13.16
C LEU B 489 30.68 15.78 14.08
N LYS B 490 29.59 16.45 14.47
CA LYS B 490 29.56 17.29 15.68
C LYS B 490 28.14 17.79 15.96
#